data_3LFH
#
_entry.id   3LFH
#
_cell.length_a   56.162
_cell.length_b   106.018
_cell.length_c   70.798
_cell.angle_alpha   90.00
_cell.angle_beta   114.41
_cell.angle_gamma   90.00
#
_symmetry.space_group_name_H-M   'P 1 21 1'
#
loop_
_entity.id
_entity.type
_entity.pdbx_description
1 polymer 'Phosphotransferase system, mannose/fructose-specific component IIA'
2 water water
#
_entity_poly.entity_id   1
_entity_poly.type   'polypeptide(L)'
_entity_poly.pdbx_seq_one_letter_code
;MKEKFVLIITHGDFGKGLLSGAEVIIGKQENVHTVGLNLGDNIEVVRKEVEKIIKEKLQEDKEIIIVVDLFGGSPFNIAL
SMMKEYDVKVITGINMPMLVELLTSINVYDTTELLENISKIGKDGIKVIEKSSLKMLEHHHHHH
;
_entity_poly.pdbx_strand_id   A,B,C,D,E,F
#
# COMPACT_ATOMS: atom_id res chain seq x y z
N MET A 1 13.17 -14.24 23.68
CA MET A 1 12.55 -15.02 22.62
C MET A 1 13.46 -15.11 21.40
N LYS A 2 13.59 -16.31 20.84
CA LYS A 2 14.36 -16.47 19.62
C LYS A 2 13.71 -15.72 18.46
N GLU A 3 14.52 -15.25 17.52
CA GLU A 3 13.99 -14.63 16.31
C GLU A 3 13.34 -15.71 15.45
N LYS A 4 12.23 -15.37 14.80
CA LYS A 4 11.49 -16.36 14.03
C LYS A 4 11.78 -16.29 12.54
N PHE A 5 11.55 -17.39 11.83
CA PHE A 5 11.72 -17.42 10.39
C PHE A 5 10.47 -18.09 9.85
N VAL A 6 9.86 -17.49 8.83
CA VAL A 6 8.62 -18.05 8.26
C VAL A 6 8.90 -18.65 6.89
N LEU A 7 8.57 -19.93 6.73
CA LEU A 7 8.74 -20.60 5.46
C LEU A 7 7.34 -20.82 4.91
N ILE A 8 7.07 -20.29 3.71
CA ILE A 8 5.78 -20.50 3.07
C ILE A 8 5.91 -21.60 2.01
N ILE A 9 5.13 -22.67 2.15
CA ILE A 9 5.21 -23.78 1.21
C ILE A 9 3.81 -23.98 0.62
N THR A 10 3.70 -23.84 -0.69
CA THR A 10 2.39 -23.87 -1.34
C THR A 10 2.47 -24.46 -2.74
N HIS A 11 1.31 -24.67 -3.36
CA HIS A 11 1.26 -25.04 -4.77
C HIS A 11 1.59 -23.85 -5.67
N GLY A 12 2.36 -24.11 -6.73
CA GLY A 12 2.67 -23.06 -7.70
C GLY A 12 3.13 -21.74 -7.09
N ASP A 13 2.71 -20.63 -7.70
CA ASP A 13 3.15 -19.31 -7.28
C ASP A 13 2.30 -18.71 -6.16
N PHE A 14 1.51 -19.54 -5.48
CA PHE A 14 0.62 -18.98 -4.46
C PHE A 14 1.42 -18.28 -3.35
N GLY A 15 2.40 -18.98 -2.78
CA GLY A 15 3.20 -18.39 -1.71
C GLY A 15 3.96 -17.14 -2.16
N LYS A 16 4.53 -17.22 -3.34
CA LYS A 16 5.25 -16.07 -3.91
C LYS A 16 4.31 -14.87 -4.01
N GLY A 17 3.12 -15.12 -4.55
CA GLY A 17 2.15 -14.04 -4.71
C GLY A 17 1.58 -13.53 -3.41
N LEU A 18 1.33 -14.44 -2.47
CA LEU A 18 0.84 -14.04 -1.16
C LEU A 18 1.84 -13.11 -0.47
N LEU A 19 3.11 -13.47 -0.53
CA LEU A 19 4.15 -12.62 0.09
C LEU A 19 4.21 -11.25 -0.60
N SER A 20 4.24 -11.26 -1.93
CA SER A 20 4.16 -10.01 -2.73
C SER A 20 3.02 -9.11 -2.27
N GLY A 21 1.82 -9.67 -2.17
CA GLY A 21 0.65 -8.97 -1.70
C GLY A 21 0.79 -8.40 -0.29
N ALA A 22 1.28 -9.23 0.63
CA ALA A 22 1.53 -8.76 1.99
C ALA A 22 2.52 -7.61 2.00
N GLU A 23 3.53 -7.69 1.13
CA GLU A 23 4.57 -6.67 1.13
C GLU A 23 4.09 -5.33 0.58
N VAL A 24 3.06 -5.36 -0.26
CA VAL A 24 2.36 -4.12 -0.65
C VAL A 24 1.81 -3.43 0.59
N ILE A 25 1.31 -4.22 1.52
CA ILE A 25 0.69 -3.71 2.72
C ILE A 25 1.71 -3.28 3.79
N ILE A 26 2.68 -4.16 4.10
CA ILE A 26 3.58 -3.93 5.24
C ILE A 26 5.06 -3.76 4.92
N GLY A 27 5.39 -3.65 3.63
CA GLY A 27 6.77 -3.49 3.21
C GLY A 27 7.56 -4.79 3.07
N LYS A 28 8.74 -4.68 2.48
CA LYS A 28 9.59 -5.84 2.21
C LYS A 28 9.99 -6.57 3.47
N GLN A 29 9.85 -7.89 3.43
CA GLN A 29 10.15 -8.76 4.56
C GLN A 29 11.55 -9.35 4.47
N GLU A 30 12.17 -9.50 5.64
CA GLU A 30 13.29 -10.39 5.80
C GLU A 30 12.76 -11.58 6.61
N ASN A 31 13.50 -12.67 6.64
CA ASN A 31 13.07 -13.80 7.44
C ASN A 31 11.75 -14.44 6.97
N VAL A 32 11.41 -14.26 5.70
CA VAL A 32 10.32 -15.02 5.08
C VAL A 32 10.83 -15.58 3.76
N HIS A 33 10.63 -16.88 3.56
CA HIS A 33 11.05 -17.50 2.31
C HIS A 33 9.87 -18.29 1.74
N THR A 34 9.75 -18.34 0.42
CA THR A 34 8.68 -19.10 -0.21
C THR A 34 9.22 -20.23 -1.08
N VAL A 35 8.52 -21.36 -1.03
CA VAL A 35 8.83 -22.52 -1.85
C VAL A 35 7.52 -22.93 -2.50
N GLY A 36 7.52 -23.02 -3.82
CA GLY A 36 6.33 -23.42 -4.54
C GLY A 36 6.50 -24.76 -5.23
N LEU A 37 5.49 -25.61 -5.08
CA LEU A 37 5.46 -26.88 -5.80
C LEU A 37 4.69 -26.75 -7.11
N ASN A 38 5.43 -26.85 -8.22
CA ASN A 38 4.85 -26.72 -9.55
C ASN A 38 4.60 -28.10 -10.17
N LEU A 39 3.69 -28.18 -11.14
CA LEU A 39 3.59 -29.40 -11.93
C LEU A 39 4.98 -29.67 -12.49
N GLY A 40 5.42 -30.93 -12.40
CA GLY A 40 6.71 -31.30 -12.94
C GLY A 40 7.84 -31.23 -11.92
N ASP A 41 7.56 -30.75 -10.71
CA ASP A 41 8.54 -30.78 -9.65
C ASP A 41 8.53 -32.13 -8.97
N ASN A 42 9.71 -32.69 -8.74
CA ASN A 42 9.82 -33.92 -7.95
C ASN A 42 9.75 -33.59 -6.46
N ILE A 43 8.75 -34.17 -5.79
CA ILE A 43 8.47 -33.80 -4.40
C ILE A 43 9.64 -34.09 -3.49
N GLU A 44 10.41 -35.14 -3.80
CA GLU A 44 11.55 -35.50 -2.96
C GLU A 44 12.69 -34.49 -3.14
N VAL A 45 12.82 -33.96 -4.35
CA VAL A 45 13.80 -32.90 -4.60
C VAL A 45 13.42 -31.64 -3.82
N VAL A 46 12.14 -31.29 -3.86
CA VAL A 46 11.66 -30.12 -3.12
C VAL A 46 11.79 -30.34 -1.62
N ARG A 47 11.51 -31.56 -1.17
CA ARG A 47 11.63 -31.86 0.26
C ARG A 47 13.05 -31.62 0.75
N LYS A 48 14.03 -32.07 -0.04
CA LYS A 48 15.43 -31.93 0.35
C LYS A 48 15.85 -30.46 0.38
N GLU A 49 15.31 -29.66 -0.53
CA GLU A 49 15.58 -28.22 -0.54
C GLU A 49 14.99 -27.53 0.68
N VAL A 50 13.79 -27.92 1.05
CA VAL A 50 13.14 -27.37 2.23
C VAL A 50 13.94 -27.75 3.48
N GLU A 51 14.37 -29.01 3.55
CA GLU A 51 15.14 -29.44 4.70
C GLU A 51 16.44 -28.64 4.80
N LYS A 52 17.06 -28.40 3.65
CA LYS A 52 18.28 -27.59 3.59
C LYS A 52 18.05 -26.23 4.25
N ILE A 53 16.92 -25.61 3.93
CA ILE A 53 16.59 -24.29 4.47
C ILE A 53 16.38 -24.34 5.97
N ILE A 54 15.69 -25.38 6.44
CA ILE A 54 15.37 -25.48 7.86
C ILE A 54 16.63 -25.67 8.72
N LYS A 55 17.48 -26.60 8.32
CA LYS A 55 18.75 -26.82 9.00
C LYS A 55 19.55 -25.52 9.08
N GLU A 56 19.69 -24.84 7.94
CA GLU A 56 20.43 -23.59 7.90
C GLU A 56 19.91 -22.57 8.90
N LYS A 57 18.59 -22.48 9.02
CA LYS A 57 17.98 -21.51 9.93
C LYS A 57 18.07 -21.95 11.38
N LEU A 58 17.92 -23.25 11.62
CA LEU A 58 18.11 -23.76 12.97
C LEU A 58 19.53 -23.44 13.42
N GLN A 59 20.49 -23.68 12.53
CA GLN A 59 21.90 -23.38 12.79
C GLN A 59 22.15 -21.90 13.05
N GLU A 60 21.18 -21.06 12.69
CA GLU A 60 21.26 -19.63 13.01
C GLU A 60 20.47 -19.33 14.26
N ASP A 61 20.10 -20.38 14.99
CA ASP A 61 19.34 -20.26 16.22
C ASP A 61 17.98 -19.58 16.02
N LYS A 62 17.33 -19.91 14.92
CA LYS A 62 16.01 -19.35 14.64
C LYS A 62 14.90 -20.34 14.94
N GLU A 63 13.74 -19.81 15.32
CA GLU A 63 12.54 -20.61 15.51
C GLU A 63 11.75 -20.57 14.22
N ILE A 64 11.30 -21.72 13.74
CA ILE A 64 10.73 -21.81 12.40
C ILE A 64 9.23 -22.09 12.42
N ILE A 65 8.50 -21.27 11.67
CA ILE A 65 7.08 -21.46 11.43
C ILE A 65 6.88 -21.80 9.96
N ILE A 66 6.21 -22.91 9.69
CA ILE A 66 5.90 -23.22 8.31
C ILE A 66 4.43 -22.94 8.07
N VAL A 67 4.15 -22.11 7.07
CA VAL A 67 2.79 -21.82 6.70
CA VAL A 67 2.76 -21.83 6.71
C VAL A 67 2.48 -22.51 5.36
N VAL A 68 1.35 -23.21 5.29
CA VAL A 68 1.06 -23.95 4.07
CA VAL A 68 1.00 -24.05 4.14
C VAL A 68 -0.32 -23.60 3.53
N ASP A 69 -0.49 -23.81 2.23
CA ASP A 69 -1.74 -23.36 1.59
C ASP A 69 -2.95 -24.22 1.94
N LEU A 70 -2.76 -25.53 1.95
CA LEU A 70 -3.88 -26.45 1.90
C LEU A 70 -3.58 -27.63 2.81
N PHE A 71 -4.53 -27.99 3.65
CA PHE A 71 -4.40 -29.22 4.44
C PHE A 71 -4.51 -30.40 3.47
N GLY A 72 -3.42 -31.14 3.31
CA GLY A 72 -3.38 -32.20 2.33
C GLY A 72 -2.68 -31.72 1.06
N GLY A 73 -2.05 -32.65 0.35
CA GLY A 73 -1.28 -32.25 -0.81
C GLY A 73 0.20 -32.22 -0.49
N SER A 74 1.01 -32.12 -1.53
CA SER A 74 2.44 -32.30 -1.38
C SER A 74 3.10 -31.25 -0.50
N PRO A 75 2.71 -29.97 -0.66
CA PRO A 75 3.32 -28.99 0.24
C PRO A 75 3.06 -29.34 1.70
N PHE A 76 1.84 -29.73 2.02
CA PHE A 76 1.50 -30.10 3.40
C PHE A 76 2.33 -31.32 3.82
N ASN A 77 2.44 -32.29 2.93
CA ASN A 77 3.18 -33.53 3.25
C ASN A 77 4.64 -33.22 3.54
N ILE A 78 5.22 -32.28 2.80
CA ILE A 78 6.56 -31.79 3.12
C ILE A 78 6.64 -31.13 4.50
N ALA A 79 5.70 -30.23 4.79
CA ALA A 79 5.67 -29.57 6.08
C ALA A 79 5.57 -30.58 7.21
N LEU A 80 4.69 -31.56 7.05
CA LEU A 80 4.52 -32.59 8.08
C LEU A 80 5.82 -33.36 8.30
N SER A 81 6.52 -33.66 7.20
CA SER A 81 7.77 -34.41 7.31
C SER A 81 8.83 -33.61 8.05
N MET A 82 8.79 -32.28 7.90
CA MET A 82 9.69 -31.39 8.63
C MET A 82 9.32 -31.27 10.10
N MET A 83 8.03 -31.36 10.41
CA MET A 83 7.61 -31.32 11.80
C MET A 83 8.02 -32.64 12.47
N LYS A 84 7.89 -33.74 11.73
CA LYS A 84 8.28 -35.03 12.27
C LYS A 84 9.76 -35.00 12.70
N GLU A 85 10.61 -34.45 11.82
CA GLU A 85 12.05 -34.47 12.04
C GLU A 85 12.60 -33.33 12.88
N TYR A 86 12.09 -32.11 12.65
CA TYR A 86 12.71 -30.91 13.21
C TYR A 86 11.87 -30.11 14.21
N ASP A 87 10.64 -30.54 14.46
CA ASP A 87 9.83 -29.94 15.52
C ASP A 87 9.53 -28.46 15.25
N VAL A 88 9.48 -28.10 13.97
CA VAL A 88 8.98 -26.79 13.58
C VAL A 88 7.49 -26.77 13.84
N LYS A 89 6.86 -25.61 13.69
CA LYS A 89 5.42 -25.52 13.87
C LYS A 89 4.76 -25.26 12.51
N VAL A 90 3.51 -25.71 12.36
CA VAL A 90 2.83 -25.69 11.06
C VAL A 90 1.38 -25.22 11.16
N ILE A 91 0.98 -24.36 10.23
CA ILE A 91 -0.41 -23.96 10.14
C ILE A 91 -0.85 -24.00 8.67
N THR A 92 -2.09 -24.40 8.43
CA THR A 92 -2.59 -24.52 7.05
C THR A 92 -3.65 -23.47 6.74
N GLY A 93 -3.99 -23.37 5.45
CA GLY A 93 -5.07 -22.49 5.00
C GLY A 93 -4.72 -21.01 4.98
N ILE A 94 -3.44 -20.71 4.86
CA ILE A 94 -2.95 -19.33 4.99
C ILE A 94 -3.69 -18.37 4.04
N ASN A 95 -4.11 -17.24 4.60
CA ASN A 95 -4.68 -16.17 3.79
C ASN A 95 -4.05 -14.80 4.13
N MET A 96 -4.52 -13.73 3.50
CA MET A 96 -3.84 -12.45 3.67
C MET A 96 -3.92 -11.86 5.09
N PRO A 97 -5.10 -11.87 5.71
CA PRO A 97 -5.16 -11.31 7.08
C PRO A 97 -4.24 -12.07 8.03
N MET A 98 -4.16 -13.39 7.87
CA MET A 98 -3.26 -14.19 8.69
C MET A 98 -1.81 -13.78 8.51
N LEU A 99 -1.37 -13.66 7.26
CA LEU A 99 0.03 -13.40 7.01
C LEU A 99 0.41 -12.01 7.49
N VAL A 100 -0.48 -11.04 7.26
CA VAL A 100 -0.17 -9.69 7.73
C VAL A 100 -0.06 -9.66 9.25
N GLU A 101 -1.03 -10.25 9.95
CA GLU A 101 -0.96 -10.29 11.41
C GLU A 101 0.28 -11.03 11.90
N LEU A 102 0.59 -12.16 11.26
CA LEU A 102 1.76 -12.95 11.62
C LEU A 102 3.03 -12.12 11.53
N LEU A 103 3.20 -11.45 10.40
CA LEU A 103 4.45 -10.74 10.16
C LEU A 103 4.57 -9.44 10.96
N THR A 104 3.45 -8.88 11.39
CA THR A 104 3.52 -7.64 12.17
C THR A 104 3.52 -7.86 13.69
N SER A 105 3.41 -9.12 14.12
CA SER A 105 3.37 -9.41 15.56
C SER A 105 4.38 -10.51 15.90
N ILE A 106 5.25 -10.81 14.95
CA ILE A 106 6.14 -11.97 15.04
C ILE A 106 7.06 -11.86 16.25
N ASN A 107 7.33 -10.64 16.70
CA ASN A 107 8.20 -10.44 17.86
C ASN A 107 7.45 -10.32 19.18
N VAL A 108 6.12 -10.24 19.10
CA VAL A 108 5.29 -9.98 20.28
C VAL A 108 4.89 -11.24 21.03
N TYR A 109 4.47 -12.27 20.31
CA TYR A 109 3.97 -13.50 20.93
C TYR A 109 4.91 -14.68 20.73
N ASP A 110 4.83 -15.67 21.61
CA ASP A 110 5.54 -16.92 21.40
C ASP A 110 4.83 -17.66 20.28
N THR A 111 5.49 -18.65 19.67
CA THR A 111 4.95 -19.29 18.47
C THR A 111 3.58 -19.94 18.68
N THR A 112 3.37 -20.59 19.83
CA THR A 112 2.07 -21.19 20.09
C THR A 112 0.93 -20.17 20.08
N GLU A 113 1.11 -19.07 20.80
CA GLU A 113 0.07 -18.04 20.87
C GLU A 113 -0.09 -17.30 19.53
N LEU A 114 1.03 -17.09 18.85
CA LEU A 114 1.03 -16.49 17.51
C LEU A 114 0.13 -17.29 16.56
N LEU A 115 0.30 -18.60 16.55
CA LEU A 115 -0.48 -19.43 15.64
C LEU A 115 -1.95 -19.48 16.01
N GLU A 116 -2.24 -19.47 17.30
CA GLU A 116 -3.63 -19.41 17.75
C GLU A 116 -4.26 -18.09 17.34
N ASN A 117 -3.51 -17.00 17.52
CA ASN A 117 -3.95 -15.67 17.12
C ASN A 117 -4.32 -15.60 15.64
N ILE A 118 -3.42 -16.07 14.78
CA ILE A 118 -3.68 -15.92 13.34
C ILE A 118 -4.71 -16.92 12.85
N SER A 119 -4.83 -18.06 13.51
CA SER A 119 -5.91 -18.99 13.17
C SER A 119 -7.25 -18.29 13.32
N LYS A 120 -7.41 -17.61 14.46
CA LYS A 120 -8.64 -16.90 14.76
C LYS A 120 -8.87 -15.75 13.78
N ILE A 121 -7.82 -15.02 13.49
CA ILE A 121 -7.93 -13.86 12.61
C ILE A 121 -8.24 -14.28 11.17
N GLY A 122 -7.64 -15.39 10.76
CA GLY A 122 -7.85 -15.95 9.43
C GLY A 122 -9.29 -16.36 9.22
N LYS A 123 -9.84 -17.08 10.20
CA LYS A 123 -11.23 -17.51 10.09
C LYS A 123 -12.19 -16.32 10.13
N ASP A 124 -11.94 -15.38 11.04
CA ASP A 124 -12.79 -14.20 11.16
C ASP A 124 -12.73 -13.33 9.92
N GLY A 125 -11.63 -13.43 9.17
CA GLY A 125 -11.42 -12.60 7.99
C GLY A 125 -12.16 -13.10 6.76
N ILE A 126 -12.80 -14.27 6.88
CA ILE A 126 -13.55 -14.86 5.77
C ILE A 126 -15.02 -14.52 6.00
N LYS A 127 -15.56 -13.66 5.14
CA LYS A 127 -16.94 -13.19 5.31
C LYS A 127 -17.63 -13.08 3.97
N VAL A 128 -18.86 -13.58 3.89
CA VAL A 128 -19.69 -13.36 2.71
C VAL A 128 -20.44 -12.04 2.94
N ILE A 129 -20.33 -11.10 2.00
CA ILE A 129 -20.95 -9.79 2.15
C ILE A 129 -22.35 -9.81 1.54
N MET B 1 -28.33 -23.32 -15.11
CA MET B 1 -27.65 -22.24 -14.41
C MET B 1 -26.90 -21.33 -15.38
N LYS B 2 -26.86 -20.04 -15.08
CA LYS B 2 -25.99 -19.14 -15.81
C LYS B 2 -24.55 -19.57 -15.55
N GLU B 3 -23.68 -19.30 -16.50
CA GLU B 3 -22.26 -19.51 -16.28
C GLU B 3 -21.85 -18.49 -15.22
N LYS B 4 -20.85 -18.82 -14.43
CA LYS B 4 -20.37 -17.91 -13.41
C LYS B 4 -19.00 -17.36 -13.81
N PHE B 5 -18.70 -16.13 -13.40
CA PHE B 5 -17.40 -15.54 -13.68
C PHE B 5 -16.86 -15.10 -12.34
N VAL B 6 -15.61 -15.46 -12.06
CA VAL B 6 -14.98 -15.14 -10.78
C VAL B 6 -13.93 -14.06 -11.01
N LEU B 7 -14.05 -12.95 -10.29
CA LEU B 7 -13.08 -11.87 -10.40
C LEU B 7 -12.35 -11.81 -9.05
N ILE B 8 -11.05 -12.01 -9.08
CA ILE B 8 -10.25 -11.99 -7.85
C ILE B 8 -9.51 -10.66 -7.77
N ILE B 9 -9.74 -9.91 -6.70
CA ILE B 9 -9.09 -8.62 -6.53
C ILE B 9 -8.32 -8.65 -5.21
N THR B 10 -7.03 -8.38 -5.28
CA THR B 10 -6.17 -8.48 -4.10
C THR B 10 -5.04 -7.48 -4.17
N HIS B 11 -4.30 -7.35 -3.07
CA HIS B 11 -3.05 -6.62 -3.09
C HIS B 11 -1.97 -7.38 -3.84
N GLY B 12 -1.19 -6.66 -4.63
CA GLY B 12 -0.08 -7.25 -5.36
C GLY B 12 -0.48 -8.47 -6.17
N ASP B 13 0.44 -9.43 -6.25
CA ASP B 13 0.26 -10.60 -7.10
C ASP B 13 -0.41 -11.75 -6.38
N PHE B 14 -1.12 -11.46 -5.30
CA PHE B 14 -1.67 -12.54 -4.52
C PHE B 14 -2.71 -13.32 -5.32
N GLY B 15 -3.67 -12.61 -5.92
CA GLY B 15 -4.73 -13.26 -6.66
C GLY B 15 -4.17 -14.06 -7.83
N LYS B 16 -3.28 -13.43 -8.57
CA LYS B 16 -2.59 -14.05 -9.69
C LYS B 16 -1.92 -15.38 -9.27
N GLY B 17 -1.16 -15.36 -8.18
CA GLY B 17 -0.48 -16.55 -7.70
C GLY B 17 -1.42 -17.59 -7.12
N LEU B 18 -2.49 -17.12 -6.48
CA LEU B 18 -3.50 -18.00 -5.90
C LEU B 18 -4.11 -18.83 -7.04
N LEU B 19 -4.50 -18.16 -8.11
CA LEU B 19 -5.10 -18.86 -9.25
C LEU B 19 -4.10 -19.84 -9.91
N SER B 20 -2.87 -19.37 -10.13
CA SER B 20 -1.76 -20.21 -10.63
C SER B 20 -1.63 -21.48 -9.80
N GLY B 21 -1.62 -21.28 -8.49
CA GLY B 21 -1.47 -22.36 -7.54
C GLY B 21 -2.61 -23.35 -7.60
N ALA B 22 -3.83 -22.84 -7.58
CA ALA B 22 -5.02 -23.68 -7.65
C ALA B 22 -5.01 -24.52 -8.94
N GLU B 23 -4.53 -23.94 -10.03
CA GLU B 23 -4.52 -24.65 -11.31
C GLU B 23 -3.50 -25.78 -11.37
N VAL B 24 -2.47 -25.73 -10.52
CA VAL B 24 -1.58 -26.88 -10.36
C VAL B 24 -2.41 -28.08 -9.89
N ILE B 25 -3.33 -27.78 -8.97
CA ILE B 25 -4.13 -28.80 -8.31
C ILE B 25 -5.29 -29.28 -9.18
N ILE B 26 -6.02 -28.36 -9.80
CA ILE B 26 -7.23 -28.74 -10.53
C ILE B 26 -7.17 -28.48 -12.05
N GLY B 27 -5.99 -28.12 -12.56
CA GLY B 27 -5.82 -27.87 -13.98
C GLY B 27 -6.30 -26.48 -14.41
N LYS B 28 -5.92 -26.09 -15.62
CA LYS B 28 -6.28 -24.77 -16.14
C LYS B 28 -7.78 -24.48 -16.09
N GLN B 29 -8.14 -23.28 -15.64
CA GLN B 29 -9.54 -22.92 -15.54
C GLN B 29 -9.90 -21.81 -16.54
N GLU B 30 -11.20 -21.65 -16.80
CA GLU B 30 -11.73 -20.55 -17.60
C GLU B 30 -12.57 -19.64 -16.71
N ASN B 31 -12.90 -18.47 -17.22
CA ASN B 31 -13.83 -17.56 -16.54
C ASN B 31 -13.36 -17.11 -15.15
N VAL B 32 -12.05 -17.01 -14.95
CA VAL B 32 -11.49 -16.42 -13.74
C VAL B 32 -10.48 -15.37 -14.16
N HIS B 33 -10.62 -14.17 -13.61
CA HIS B 33 -9.72 -13.08 -13.95
C HIS B 33 -9.18 -12.51 -12.66
N THR B 34 -7.93 -12.02 -12.68
CA THR B 34 -7.35 -11.44 -11.47
C THR B 34 -6.92 -9.99 -11.69
N VAL B 35 -7.10 -9.18 -10.65
CA VAL B 35 -6.70 -7.79 -10.68
C VAL B 35 -5.90 -7.57 -9.40
N GLY B 36 -4.69 -7.05 -9.54
CA GLY B 36 -3.85 -6.83 -8.38
C GLY B 36 -3.60 -5.36 -8.20
N LEU B 37 -3.62 -4.92 -6.95
CA LEU B 37 -3.35 -3.53 -6.65
CA LEU B 37 -3.37 -3.53 -6.62
C LEU B 37 -1.97 -3.38 -6.04
N ASN B 38 -1.14 -2.56 -6.69
CA ASN B 38 0.21 -2.30 -6.21
C ASN B 38 0.37 -0.91 -5.63
N LEU B 39 1.47 -0.69 -4.92
CA LEU B 39 1.77 0.64 -4.40
C LEU B 39 1.84 1.64 -5.53
N GLY B 40 1.23 2.79 -5.32
CA GLY B 40 1.25 3.87 -6.28
C GLY B 40 0.23 3.70 -7.39
N ASP B 41 -0.53 2.61 -7.34
CA ASP B 41 -1.61 2.42 -8.30
C ASP B 41 -2.68 3.49 -8.13
N ASN B 42 -3.12 4.05 -9.24
CA ASN B 42 -4.24 4.96 -9.20
C ASN B 42 -5.50 4.12 -9.09
N ILE B 43 -6.15 4.17 -7.93
CA ILE B 43 -7.19 3.20 -7.63
C ILE B 43 -8.53 3.49 -8.28
N GLU B 44 -8.81 4.75 -8.56
CA GLU B 44 -10.02 5.07 -9.32
C GLU B 44 -9.86 4.52 -10.73
N VAL B 45 -8.64 4.47 -11.24
CA VAL B 45 -8.40 3.86 -12.53
C VAL B 45 -8.68 2.36 -12.44
N VAL B 46 -8.19 1.74 -11.37
CA VAL B 46 -8.45 0.31 -11.16
C VAL B 46 -9.95 0.04 -10.99
N ARG B 47 -10.62 0.89 -10.21
CA ARG B 47 -12.06 0.76 -10.03
C ARG B 47 -12.78 0.79 -11.39
N LYS B 48 -12.36 1.72 -12.24
CA LYS B 48 -12.98 1.88 -13.55
C LYS B 48 -12.76 0.64 -14.41
N GLU B 49 -11.55 0.08 -14.33
CA GLU B 49 -11.21 -1.12 -15.07
C GLU B 49 -12.07 -2.28 -14.61
N VAL B 50 -12.25 -2.37 -13.29
CA VAL B 50 -13.07 -3.44 -12.73
C VAL B 50 -14.52 -3.33 -13.18
N GLU B 51 -15.06 -2.11 -13.15
CA GLU B 51 -16.43 -1.87 -13.60
C GLU B 51 -16.58 -2.29 -15.05
N LYS B 52 -15.60 -1.97 -15.88
CA LYS B 52 -15.63 -2.35 -17.30
C LYS B 52 -15.70 -3.88 -17.50
N ILE B 53 -14.86 -4.60 -16.77
CA ILE B 53 -14.91 -6.05 -16.77
C ILE B 53 -16.29 -6.56 -16.34
N ILE B 54 -16.79 -6.05 -15.23
CA ILE B 54 -18.10 -6.45 -14.73
C ILE B 54 -19.23 -6.21 -15.75
N LYS B 55 -19.27 -5.00 -16.31
CA LYS B 55 -20.26 -4.71 -17.37
C LYS B 55 -20.17 -5.68 -18.54
N GLU B 56 -18.95 -5.94 -18.99
CA GLU B 56 -18.71 -6.87 -20.09
C GLU B 56 -19.22 -8.27 -19.78
N LYS B 57 -18.89 -8.78 -18.61
CA LYS B 57 -19.30 -10.14 -18.27
C LYS B 57 -20.80 -10.23 -18.03
N LEU B 58 -21.40 -9.16 -17.50
CA LEU B 58 -22.85 -9.12 -17.36
C LEU B 58 -23.51 -9.17 -18.74
N GLN B 59 -22.91 -8.50 -19.73
CA GLN B 59 -23.45 -8.52 -21.08
C GLN B 59 -23.36 -9.93 -21.67
N GLU B 60 -22.43 -10.73 -21.15
CA GLU B 60 -22.26 -12.11 -21.60
C GLU B 60 -23.17 -13.04 -20.81
N ASP B 61 -24.09 -12.45 -20.05
CA ASP B 61 -25.05 -13.18 -19.23
C ASP B 61 -24.40 -14.08 -18.18
N LYS B 62 -23.30 -13.61 -17.60
CA LYS B 62 -22.63 -14.33 -16.54
C LYS B 62 -23.05 -13.83 -15.15
N GLU B 63 -23.05 -14.73 -14.18
CA GLU B 63 -23.28 -14.37 -12.79
C GLU B 63 -21.90 -14.07 -12.19
N ILE B 64 -21.77 -12.97 -11.48
CA ILE B 64 -20.45 -12.49 -11.07
C ILE B 64 -20.21 -12.65 -9.58
N ILE B 65 -19.10 -13.33 -9.26
CA ILE B 65 -18.64 -13.46 -7.89
C ILE B 65 -17.30 -12.74 -7.75
N ILE B 66 -17.21 -11.84 -6.78
CA ILE B 66 -15.96 -11.14 -6.56
C ILE B 66 -15.33 -11.66 -5.27
N VAL B 67 -14.08 -12.09 -5.39
CA VAL B 67 -13.36 -12.62 -4.23
CA VAL B 67 -13.33 -12.65 -4.26
C VAL B 67 -12.20 -11.69 -3.91
N VAL B 68 -12.09 -11.30 -2.65
CA VAL B 68 -11.05 -10.36 -2.27
C VAL B 68 -10.14 -10.94 -1.20
N ASP B 69 -8.93 -10.42 -1.11
CA ASP B 69 -8.01 -10.94 -0.10
C ASP B 69 -8.37 -10.56 1.33
N LEU B 70 -8.90 -9.38 1.53
CA LEU B 70 -8.91 -8.76 2.85
C LEU B 70 -10.15 -7.91 3.01
N PHE B 71 -10.78 -8.00 4.17
CA PHE B 71 -11.89 -7.10 4.50
C PHE B 71 -11.23 -5.81 4.92
N GLY B 72 -10.93 -4.96 3.94
CA GLY B 72 -10.15 -3.76 4.19
C GLY B 72 -9.28 -3.39 3.00
N GLY B 73 -8.85 -2.14 2.94
CA GLY B 73 -8.00 -1.69 1.85
C GLY B 73 -8.74 -1.50 0.53
N SER B 74 -7.98 -1.19 -0.51
CA SER B 74 -8.55 -0.87 -1.81
C SER B 74 -9.32 -2.00 -2.50
N PRO B 75 -8.81 -3.25 -2.42
CA PRO B 75 -9.56 -4.26 -3.19
C PRO B 75 -10.99 -4.42 -2.66
N PHE B 76 -11.16 -4.41 -1.34
CA PHE B 76 -12.50 -4.55 -0.78
C PHE B 76 -13.32 -3.28 -1.06
N ASN B 77 -12.66 -2.13 -0.96
CA ASN B 77 -13.33 -0.86 -1.29
C ASN B 77 -13.93 -0.93 -2.72
N ILE B 78 -13.12 -1.41 -3.66
CA ILE B 78 -13.58 -1.55 -5.05
C ILE B 78 -14.73 -2.55 -5.15
N ALA B 79 -14.57 -3.72 -4.54
CA ALA B 79 -15.65 -4.71 -4.54
C ALA B 79 -16.96 -4.15 -4.00
N LEU B 80 -16.91 -3.47 -2.85
CA LEU B 80 -18.10 -2.85 -2.26
C LEU B 80 -18.76 -1.87 -3.22
N SER B 81 -17.96 -1.05 -3.90
CA SER B 81 -18.53 -0.08 -4.84
C SER B 81 -19.26 -0.75 -6.01
N MET B 82 -18.83 -1.95 -6.40
CA MET B 82 -19.50 -2.66 -7.49
C MET B 82 -20.83 -3.21 -7.02
N MET B 83 -20.86 -3.66 -5.78
CA MET B 83 -22.04 -4.27 -5.20
C MET B 83 -23.16 -3.24 -5.08
N LYS B 84 -22.78 -1.98 -4.93
CA LYS B 84 -23.76 -0.91 -4.81
C LYS B 84 -24.48 -0.64 -6.13
N GLU B 85 -23.85 -1.03 -7.24
CA GLU B 85 -24.38 -0.68 -8.57
C GLU B 85 -24.80 -1.90 -9.39
N TYR B 86 -24.15 -3.03 -9.14
CA TYR B 86 -24.35 -4.23 -9.93
C TYR B 86 -24.77 -5.40 -9.06
N ASP B 87 -25.32 -6.43 -9.69
CA ASP B 87 -25.78 -7.59 -8.95
C ASP B 87 -24.63 -8.57 -8.80
N VAL B 88 -23.67 -8.24 -7.94
CA VAL B 88 -22.52 -9.12 -7.71
C VAL B 88 -22.48 -9.58 -6.26
N LYS B 89 -21.88 -10.73 -6.03
CA LYS B 89 -21.69 -11.22 -4.68
C LYS B 89 -20.22 -11.10 -4.33
N VAL B 90 -19.92 -10.88 -3.05
CA VAL B 90 -18.55 -10.67 -2.60
C VAL B 90 -18.20 -11.58 -1.41
N ILE B 91 -17.02 -12.18 -1.46
CA ILE B 91 -16.48 -12.93 -0.32
C ILE B 91 -15.02 -12.52 -0.05
N THR B 92 -14.68 -12.38 1.23
CA THR B 92 -13.35 -11.92 1.62
C THR B 92 -12.51 -13.03 2.23
N GLY B 93 -11.23 -12.76 2.42
CA GLY B 93 -10.34 -13.67 3.12
C GLY B 93 -9.94 -14.89 2.31
N ILE B 94 -9.96 -14.77 0.99
CA ILE B 94 -9.73 -15.92 0.12
C ILE B 94 -8.46 -16.73 0.44
N ASN B 95 -8.62 -18.05 0.49
CA ASN B 95 -7.48 -18.93 0.63
C ASN B 95 -7.56 -20.10 -0.36
N MET B 96 -6.56 -20.99 -0.34
CA MET B 96 -6.52 -22.07 -1.32
C MET B 96 -7.73 -23.04 -1.24
N PRO B 97 -8.04 -23.56 -0.03
CA PRO B 97 -9.19 -24.48 0.03
C PRO B 97 -10.48 -23.84 -0.52
N MET B 98 -10.68 -22.56 -0.22
CA MET B 98 -11.84 -21.85 -0.77
C MET B 98 -11.85 -21.80 -2.28
N LEU B 99 -10.74 -21.39 -2.88
CA LEU B 99 -10.72 -21.23 -4.32
C LEU B 99 -10.83 -22.59 -5.00
N VAL B 100 -10.22 -23.62 -4.41
CA VAL B 100 -10.29 -24.94 -5.05
C VAL B 100 -11.73 -25.42 -5.02
N GLU B 101 -12.40 -25.27 -3.87
CA GLU B 101 -13.80 -25.66 -3.79
C GLU B 101 -14.68 -24.81 -4.72
N LEU B 102 -14.45 -23.50 -4.72
CA LEU B 102 -15.23 -22.62 -5.58
C LEU B 102 -15.17 -23.08 -7.03
N LEU B 103 -13.97 -23.25 -7.56
CA LEU B 103 -13.81 -23.52 -8.99
C LEU B 103 -14.25 -24.94 -9.36
N THR B 104 -14.03 -25.90 -8.47
CA THR B 104 -14.41 -27.28 -8.76
CA THR B 104 -14.41 -27.28 -8.76
C THR B 104 -15.93 -27.46 -8.73
N SER B 105 -16.61 -26.68 -7.89
CA SER B 105 -18.05 -26.84 -7.72
C SER B 105 -18.86 -25.70 -8.30
N ILE B 106 -18.23 -24.91 -9.15
CA ILE B 106 -18.83 -23.69 -9.70
C ILE B 106 -20.15 -23.92 -10.45
N ASN B 107 -20.29 -25.08 -11.08
CA ASN B 107 -21.53 -25.40 -11.81
C ASN B 107 -22.43 -26.40 -11.10
N VAL B 108 -22.19 -26.60 -9.81
CA VAL B 108 -22.99 -27.55 -9.03
C VAL B 108 -24.01 -26.83 -8.14
N TYR B 109 -23.67 -25.65 -7.64
CA TYR B 109 -24.53 -24.92 -6.72
C TYR B 109 -24.88 -23.54 -7.24
N ASP B 110 -26.00 -22.99 -6.79
CA ASP B 110 -26.31 -21.59 -7.02
C ASP B 110 -25.31 -20.76 -6.21
N THR B 111 -25.12 -19.50 -6.59
CA THR B 111 -24.12 -18.66 -5.94
CA THR B 111 -24.10 -18.68 -5.94
C THR B 111 -24.25 -18.61 -4.43
N THR B 112 -25.48 -18.45 -3.94
CA THR B 112 -25.69 -18.30 -2.51
C THR B 112 -25.21 -19.50 -1.71
N GLU B 113 -25.56 -20.71 -2.14
CA GLU B 113 -25.08 -21.92 -1.48
C GLU B 113 -23.57 -22.07 -1.67
N LEU B 114 -23.12 -21.73 -2.87
CA LEU B 114 -21.70 -21.83 -3.21
C LEU B 114 -20.85 -20.98 -2.26
N LEU B 115 -21.21 -19.72 -2.07
CA LEU B 115 -20.45 -18.86 -1.16
C LEU B 115 -20.53 -19.33 0.29
N GLU B 116 -21.70 -19.83 0.68
CA GLU B 116 -21.86 -20.43 2.01
C GLU B 116 -20.93 -21.64 2.16
N ASN B 117 -20.92 -22.49 1.14
CA ASN B 117 -20.06 -23.66 1.14
C ASN B 117 -18.59 -23.29 1.28
N ILE B 118 -18.13 -22.35 0.47
CA ILE B 118 -16.70 -22.06 0.48
C ILE B 118 -16.29 -21.26 1.72
N SER B 119 -17.22 -20.52 2.31
CA SER B 119 -16.93 -19.83 3.57
C SER B 119 -16.58 -20.85 4.65
N LYS B 120 -17.41 -21.89 4.77
CA LYS B 120 -17.15 -22.94 5.75
C LYS B 120 -15.88 -23.72 5.44
N ILE B 121 -15.66 -24.06 4.18
CA ILE B 121 -14.47 -24.81 3.79
C ILE B 121 -13.20 -24.00 4.03
N GLY B 122 -13.29 -22.69 3.80
CA GLY B 122 -12.15 -21.81 4.01
C GLY B 122 -11.76 -21.72 5.47
N LYS B 123 -12.77 -21.57 6.33
CA LYS B 123 -12.51 -21.47 7.77
C LYS B 123 -12.02 -22.82 8.29
N ASP B 124 -12.69 -23.90 7.90
CA ASP B 124 -12.28 -25.23 8.33
C ASP B 124 -10.87 -25.60 7.87
N GLY B 125 -10.43 -24.99 6.77
CA GLY B 125 -9.16 -25.32 6.17
C GLY B 125 -7.97 -24.65 6.85
N ILE B 126 -8.29 -23.79 7.80
CA ILE B 126 -7.29 -23.11 8.62
C ILE B 126 -7.11 -23.89 9.90
N LYS B 127 -5.97 -24.55 10.03
CA LYS B 127 -5.72 -25.46 11.13
C LYS B 127 -4.28 -25.40 11.60
N VAL B 128 -4.10 -25.25 12.92
CA VAL B 128 -2.79 -25.37 13.52
C VAL B 128 -2.53 -26.86 13.72
N ILE B 129 -1.41 -27.35 13.22
CA ILE B 129 -1.10 -28.77 13.33
C ILE B 129 -0.33 -29.07 14.62
N GLU B 130 -0.94 -29.82 15.53
CA GLU B 130 -0.27 -30.20 16.76
C GLU B 130 0.67 -31.39 16.55
N LYS B 131 1.88 -31.31 17.11
CA LYS B 131 2.89 -32.35 16.94
C LYS B 131 2.31 -33.70 17.34
N SER B 132 1.57 -33.68 18.44
CA SER B 132 0.93 -34.88 18.98
C SER B 132 -0.05 -35.51 17.99
N SER B 133 -0.50 -34.73 17.00
CA SER B 133 -1.47 -35.21 16.02
C SER B 133 -0.83 -35.92 14.82
N LEU B 134 0.49 -35.78 14.68
CA LEU B 134 1.19 -36.34 13.53
C LEU B 134 0.86 -37.81 13.30
N LYS B 135 1.01 -38.62 14.34
CA LYS B 135 0.85 -40.07 14.22
C LYS B 135 -0.56 -40.40 13.75
N MET B 136 -1.54 -39.68 14.29
CA MET B 136 -2.94 -39.94 13.91
C MET B 136 -3.20 -39.62 12.44
N LEU B 137 -2.54 -38.58 11.92
CA LEU B 137 -2.69 -38.24 10.51
C LEU B 137 -2.09 -39.37 9.67
N GLU B 138 -0.95 -39.87 10.10
CA GLU B 138 -0.31 -40.97 9.37
C GLU B 138 -1.18 -42.22 9.33
N HIS B 139 -1.95 -42.46 10.38
CA HIS B 139 -2.83 -43.65 10.37
C HIS B 139 -3.87 -43.57 9.24
N HIS B 140 -4.34 -42.36 8.95
CA HIS B 140 -5.35 -42.17 7.91
C HIS B 140 -4.88 -42.56 6.52
N HIS B 141 -3.59 -42.84 6.37
CA HIS B 141 -3.07 -43.28 5.09
C HIS B 141 -3.25 -44.78 4.88
N HIS B 142 -3.78 -45.43 5.91
CA HIS B 142 -3.92 -46.89 5.89
C HIS B 142 -5.35 -47.35 6.16
N HIS B 143 -6.27 -46.39 6.23
CA HIS B 143 -7.69 -46.70 6.39
C HIS B 143 -8.51 -45.49 5.96
N HIS B 144 -9.79 -45.72 5.65
CA HIS B 144 -10.69 -44.65 5.21
C HIS B 144 -11.57 -44.18 6.36
N MET C 1 7.76 13.16 40.62
CA MET C 1 7.29 12.28 39.56
C MET C 1 8.11 12.49 38.29
N LYS C 2 8.39 11.38 37.58
CA LYS C 2 9.16 11.46 36.35
C LYS C 2 8.43 12.31 35.32
N GLU C 3 9.19 12.94 34.43
CA GLU C 3 8.62 13.59 33.26
C GLU C 3 8.06 12.45 32.41
N LYS C 4 7.10 12.76 31.56
CA LYS C 4 6.51 11.74 30.71
C LYS C 4 6.68 12.07 29.23
N PHE C 5 6.61 11.05 28.39
CA PHE C 5 6.72 11.26 26.95
C PHE C 5 5.54 10.51 26.31
N VAL C 6 4.88 11.13 25.35
CA VAL C 6 3.71 10.51 24.70
C VAL C 6 4.03 10.23 23.25
N LEU C 7 3.89 8.97 22.86
CA LEU C 7 4.11 8.56 21.49
C LEU C 7 2.75 8.20 20.92
N ILE C 8 2.37 8.87 19.82
CA ILE C 8 1.08 8.62 19.19
C ILE C 8 1.36 7.83 17.91
N ILE C 9 0.78 6.63 17.80
CA ILE C 9 0.96 5.79 16.60
C ILE C 9 -0.40 5.47 16.00
N THR C 10 -0.61 5.83 14.75
CA THR C 10 -1.93 5.67 14.13
C THR C 10 -1.79 5.36 12.65
N HIS C 11 -2.92 5.10 11.99
CA HIS C 11 -2.93 5.00 10.54
C HIS C 11 -2.92 6.38 9.90
N GLY C 12 -2.09 6.54 8.88
CA GLY C 12 -2.06 7.77 8.12
C GLY C 12 -1.82 8.97 9.02
N ASP C 13 -2.45 10.08 8.68
CA ASP C 13 -2.22 11.33 9.39
C ASP C 13 -3.17 11.55 10.56
N PHE C 14 -3.82 10.49 11.02
CA PHE C 14 -4.79 10.60 12.10
C PHE C 14 -4.11 11.25 13.32
N GLY C 15 -2.99 10.69 13.73
CA GLY C 15 -2.30 11.16 14.92
C GLY C 15 -1.74 12.57 14.80
N LYS C 16 -1.10 12.85 13.67
CA LYS C 16 -0.54 14.16 13.40
C LYS C 16 -1.65 15.20 13.45
N GLY C 17 -2.78 14.87 12.83
CA GLY C 17 -3.94 15.76 12.81
C GLY C 17 -4.62 15.92 14.16
N LEU C 18 -4.75 14.81 14.89
CA LEU C 18 -5.29 14.84 16.23
C LEU C 18 -4.47 15.79 17.12
N LEU C 19 -3.14 15.65 17.08
CA LEU C 19 -2.27 16.48 17.92
C LEU C 19 -2.41 17.96 17.54
N SER C 20 -2.34 18.21 16.24
CA SER C 20 -2.59 19.55 15.69
C SER C 20 -3.86 20.18 16.25
N GLY C 21 -4.96 19.44 16.19
CA GLY C 21 -6.24 19.89 16.71
C GLY C 21 -6.21 20.16 18.20
N ALA C 22 -5.61 19.24 18.96
CA ALA C 22 -5.51 19.44 20.40
C ALA C 22 -4.71 20.70 20.71
N GLU C 23 -3.68 20.97 19.90
CA GLU C 23 -2.82 22.11 20.16
C GLU C 23 -3.52 23.44 19.92
N VAL C 24 -4.60 23.42 19.13
CA VAL C 24 -5.45 24.62 18.99
C VAL C 24 -5.96 25.00 20.37
N ILE C 25 -6.29 23.98 21.15
CA ILE C 25 -6.89 24.15 22.48
C ILE C 25 -5.85 24.38 23.58
N ILE C 26 -4.79 23.57 23.60
CA ILE C 26 -3.86 23.61 24.73
C ILE C 26 -2.48 24.18 24.41
N GLY C 27 -2.28 24.66 23.19
CA GLY C 27 -0.99 25.18 22.78
C GLY C 27 -0.02 24.09 22.31
N LYS C 28 1.00 24.48 21.56
CA LYS C 28 1.97 23.51 21.04
C LYS C 28 2.68 22.77 22.17
N GLN C 29 2.62 21.45 22.13
CA GLN C 29 3.14 20.65 23.24
C GLN C 29 4.58 20.17 23.00
N GLU C 30 5.29 19.94 24.10
CA GLU C 30 6.58 19.29 24.06
C GLU C 30 6.36 17.85 24.48
N ASN C 31 7.36 17.01 24.24
CA ASN C 31 7.31 15.63 24.72
C ASN C 31 6.18 14.82 24.12
N VAL C 32 5.78 15.14 22.88
CA VAL C 32 4.83 14.33 22.10
C VAL C 32 5.35 14.10 20.70
N HIS C 33 5.27 12.85 20.22
CA HIS C 33 5.80 12.49 18.92
C HIS C 33 4.74 11.67 18.19
N THR C 34 4.54 11.94 16.91
CA THR C 34 3.53 11.20 16.15
C THR C 34 4.17 10.33 15.06
N VAL C 35 3.66 9.11 14.95
CA VAL C 35 4.09 8.16 13.93
C VAL C 35 2.84 7.72 13.20
N GLY C 36 2.79 7.96 11.89
CA GLY C 36 1.64 7.59 11.08
C GLY C 36 2.06 6.49 10.10
N LEU C 37 1.20 5.47 9.96
CA LEU C 37 1.49 4.33 9.08
CA LEU C 37 1.50 4.33 9.09
C LEU C 37 0.66 4.39 7.82
N ASN C 38 1.34 4.38 6.67
CA ASN C 38 0.67 4.41 5.38
C ASN C 38 0.83 3.07 4.70
N LEU C 39 -0.07 2.74 3.77
CA LEU C 39 0.08 1.53 2.97
C LEU C 39 1.49 1.43 2.39
N GLY C 40 2.15 0.29 2.61
CA GLY C 40 3.47 0.03 2.06
C GLY C 40 4.64 0.50 2.90
N ASP C 41 4.36 1.22 3.98
CA ASP C 41 5.45 1.59 4.88
C ASP C 41 6.00 0.30 5.47
N ASN C 42 7.31 0.21 5.56
CA ASN C 42 7.93 -0.98 6.10
C ASN C 42 7.72 -1.03 7.62
N ILE C 43 6.80 -1.89 8.06
CA ILE C 43 6.41 -1.91 9.47
C ILE C 43 7.58 -2.24 10.40
N GLU C 44 8.50 -3.10 9.93
CA GLU C 44 9.67 -3.45 10.74
C GLU C 44 10.66 -2.29 10.87
N VAL C 45 10.84 -1.51 9.80
CA VAL C 45 11.66 -0.32 9.86
C VAL C 45 11.03 0.66 10.86
N VAL C 46 9.71 0.83 10.78
CA VAL C 46 9.05 1.74 11.71
C VAL C 46 9.11 1.23 13.15
N ARG C 47 8.90 -0.08 13.33
CA ARG C 47 8.99 -0.64 14.67
C ARG C 47 10.39 -0.39 15.25
N LYS C 48 11.42 -0.57 14.43
CA LYS C 48 12.79 -0.31 14.90
C LYS C 48 13.01 1.15 15.25
N GLU C 49 12.39 2.05 14.50
CA GLU C 49 12.57 3.47 14.77
C GLU C 49 11.86 3.82 16.09
N VAL C 50 10.69 3.22 16.28
CA VAL C 50 9.94 3.42 17.52
C VAL C 50 10.75 2.90 18.69
N GLU C 51 11.39 1.74 18.52
CA GLU C 51 12.20 1.22 19.60
C GLU C 51 13.34 2.18 19.93
N LYS C 52 13.94 2.76 18.90
CA LYS C 52 15.01 3.74 19.06
C LYS C 52 14.52 4.95 19.88
N ILE C 53 13.37 5.48 19.49
CA ILE C 53 12.72 6.58 20.21
C ILE C 53 12.48 6.23 21.69
N ILE C 54 11.89 5.07 21.94
CA ILE C 54 11.62 4.66 23.30
C ILE C 54 12.90 4.50 24.14
N LYS C 55 13.91 3.82 23.59
CA LYS C 55 15.18 3.70 24.32
C LYS C 55 15.78 5.07 24.67
N GLU C 56 15.73 6.00 23.73
CA GLU C 56 16.23 7.37 23.97
C GLU C 56 15.51 8.04 25.13
N LYS C 57 14.20 7.88 25.20
CA LYS C 57 13.39 8.57 26.18
C LYS C 57 13.49 7.89 27.55
N LEU C 58 13.69 6.58 27.55
CA LEU C 58 13.97 5.87 28.79
C LEU C 58 15.31 6.34 29.37
N GLN C 59 16.29 6.58 28.51
CA GLN C 59 17.59 7.09 28.94
C GLN C 59 17.46 8.51 29.51
N GLU C 60 16.50 9.28 29.00
CA GLU C 60 16.24 10.62 29.53
C GLU C 60 15.40 10.52 30.79
N ASP C 61 15.31 9.31 31.33
CA ASP C 61 14.52 9.03 32.53
C ASP C 61 13.07 9.50 32.44
N LYS C 62 12.43 9.27 31.30
CA LYS C 62 11.02 9.61 31.16
C LYS C 62 10.14 8.36 31.21
N GLU C 63 8.91 8.55 31.67
CA GLU C 63 7.91 7.49 31.60
C GLU C 63 7.28 7.59 30.21
N ILE C 64 6.92 6.44 29.64
CA ILE C 64 6.42 6.46 28.27
C ILE C 64 4.98 5.98 28.20
N ILE C 65 4.14 6.75 27.52
CA ILE C 65 2.77 6.35 27.25
C ILE C 65 2.60 6.29 25.73
N ILE C 66 2.13 5.16 25.22
CA ILE C 66 1.87 5.06 23.79
C ILE C 66 0.37 5.12 23.54
N VAL C 67 -0.03 6.03 22.67
CA VAL C 67 -1.43 6.22 22.35
C VAL C 67 -1.65 5.71 20.93
N VAL C 68 -2.67 4.88 20.73
CA VAL C 68 -2.91 4.33 19.40
CA VAL C 68 -2.92 4.23 19.45
C VAL C 68 -4.35 4.51 19.00
N ASP C 69 -4.57 4.54 17.68
CA ASP C 69 -5.89 4.85 17.17
C ASP C 69 -6.89 3.70 17.32
N LEU C 70 -6.42 2.50 17.06
CA LEU C 70 -7.29 1.32 16.93
C LEU C 70 -6.76 0.14 17.72
N PHE C 71 -7.66 -0.61 18.36
CA PHE C 71 -7.30 -1.89 18.95
C PHE C 71 -7.18 -2.89 17.80
N GLY C 72 -5.98 -3.40 17.57
CA GLY C 72 -5.74 -4.33 16.47
C GLY C 72 -5.15 -3.63 15.25
N GLY C 73 -4.28 -4.33 14.54
CA GLY C 73 -3.62 -3.75 13.37
C GLY C 73 -2.19 -3.33 13.66
N SER C 74 -1.55 -2.69 12.68
CA SER C 74 -0.13 -2.43 12.73
C SER C 74 0.33 -1.41 13.80
N PRO C 75 -0.37 -0.28 13.93
CA PRO C 75 0.03 0.62 15.03
C PRO C 75 -0.07 -0.09 16.37
N PHE C 76 -1.21 -0.73 16.59
CA PHE C 76 -1.42 -1.53 17.79
C PHE C 76 -0.31 -2.56 17.98
N ASN C 77 0.01 -3.34 16.95
CA ASN C 77 1.05 -4.36 17.09
C ASN C 77 2.44 -3.79 17.40
N ILE C 78 2.74 -2.62 16.84
CA ILE C 78 4.01 -1.98 17.20
C ILE C 78 4.02 -1.59 18.67
N ALA C 79 2.91 -1.04 19.15
CA ALA C 79 2.78 -0.66 20.55
C ALA C 79 2.93 -1.87 21.48
N LEU C 80 2.30 -2.99 21.12
CA LEU C 80 2.39 -4.20 21.92
C LEU C 80 3.84 -4.68 22.02
N SER C 81 4.57 -4.54 20.93
CA SER C 81 5.97 -4.90 20.89
C SER C 81 6.77 -4.10 21.91
N MET C 82 6.44 -2.82 22.06
CA MET C 82 7.14 -1.96 23.00
C MET C 82 6.72 -2.22 24.44
N MET C 83 5.44 -2.55 24.63
CA MET C 83 4.92 -2.85 25.95
C MET C 83 5.59 -4.13 26.44
N LYS C 84 5.74 -5.10 25.53
CA LYS C 84 6.41 -6.35 25.84
C LYS C 84 7.85 -6.10 26.32
N GLU C 85 8.63 -5.41 25.49
CA GLU C 85 10.06 -5.24 25.75
C GLU C 85 10.40 -4.16 26.78
N TYR C 86 9.56 -3.15 26.91
CA TYR C 86 9.85 -1.99 27.76
C TYR C 86 8.74 -1.70 28.78
N ASP C 87 8.98 -0.76 29.68
CA ASP C 87 8.00 -0.48 30.73
C ASP C 87 6.62 0.03 30.23
N VAL C 88 6.55 0.42 28.96
CA VAL C 88 5.50 1.32 28.48
C VAL C 88 4.03 0.91 28.70
N LYS C 89 3.18 1.93 28.83
CA LYS C 89 1.75 1.71 28.94
C LYS C 89 1.07 2.09 27.62
N VAL C 90 -0.07 1.48 27.34
CA VAL C 90 -0.73 1.62 26.03
C VAL C 90 -2.24 1.86 26.17
N ILE C 91 -2.76 2.82 25.42
CA ILE C 91 -4.19 3.08 25.40
C ILE C 91 -4.68 3.22 23.97
N THR C 92 -5.87 2.69 23.68
CA THR C 92 -6.37 2.60 22.31
C THR C 92 -7.61 3.47 22.16
N GLY C 93 -8.04 3.65 20.91
CA GLY C 93 -9.27 4.37 20.62
C GLY C 93 -9.17 5.87 20.86
N ILE C 94 -7.97 6.42 20.81
CA ILE C 94 -7.74 7.81 21.20
C ILE C 94 -8.66 8.78 20.47
N ASN C 95 -9.26 9.70 21.23
CA ASN C 95 -10.06 10.78 20.66
C ASN C 95 -9.67 12.14 21.24
N MET C 96 -10.33 13.22 20.80
CA MET C 96 -9.92 14.56 21.23
C MET C 96 -10.01 14.80 22.74
N PRO C 97 -11.15 14.46 23.37
CA PRO C 97 -11.27 14.68 24.82
C PRO C 97 -10.15 13.97 25.59
N MET C 98 -9.80 12.76 25.13
CA MET C 98 -8.75 12.00 25.77
C MET C 98 -7.40 12.68 25.63
N LEU C 99 -7.06 13.09 24.41
CA LEU C 99 -5.74 13.67 24.20
C LEU C 99 -5.61 15.00 24.93
N VAL C 100 -6.67 15.80 24.88
CA VAL C 100 -6.65 17.06 25.61
C VAL C 100 -6.44 16.84 27.11
N GLU C 101 -7.21 15.94 27.70
CA GLU C 101 -7.06 15.69 29.13
C GLU C 101 -5.70 15.07 29.45
N LEU C 102 -5.23 14.19 28.57
CA LEU C 102 -3.96 13.52 28.79
C LEU C 102 -2.78 14.50 28.84
N LEU C 103 -2.70 15.39 27.87
CA LEU C 103 -1.56 16.30 27.79
C LEU C 103 -1.68 17.44 28.80
N THR C 104 -2.91 17.77 29.17
CA THR C 104 -3.12 18.80 30.19
C THR C 104 -2.72 18.31 31.58
N SER C 105 -3.00 17.04 31.89
CA SER C 105 -2.76 16.51 33.22
CA SER C 105 -2.77 16.49 33.22
C SER C 105 -1.55 15.58 33.29
N ILE C 106 -0.72 15.61 32.25
CA ILE C 106 0.44 14.70 32.15
C ILE C 106 1.37 14.77 33.37
N ASN C 107 1.50 15.96 33.95
CA ASN C 107 2.45 16.15 35.05
C ASN C 107 1.76 16.32 36.40
N VAL C 108 0.48 16.02 36.45
CA VAL C 108 -0.30 16.19 37.68
C VAL C 108 -0.67 14.85 38.32
N TYR C 109 -0.90 13.83 37.49
CA TYR C 109 -1.28 12.50 37.97
C TYR C 109 -0.25 11.44 37.58
N ASP C 110 -0.14 10.38 38.37
CA ASP C 110 0.70 9.25 37.98
C ASP C 110 0.06 8.59 36.77
N THR C 111 0.87 7.88 35.99
CA THR C 111 0.39 7.31 34.72
C THR C 111 -0.84 6.42 34.88
N THR C 112 -0.78 5.49 35.83
CA THR C 112 -1.89 4.58 36.06
C THR C 112 -3.20 5.35 36.21
N GLU C 113 -3.24 6.25 37.19
CA GLU C 113 -4.42 7.06 37.44
C GLU C 113 -4.82 7.83 36.19
N LEU C 114 -3.82 8.39 35.53
CA LEU C 114 -4.04 9.21 34.34
C LEU C 114 -4.80 8.42 33.28
N LEU C 115 -4.37 7.18 33.05
CA LEU C 115 -4.95 6.36 31.99
C LEU C 115 -6.38 5.91 32.30
N GLU C 116 -6.64 5.61 33.57
CA GLU C 116 -8.01 5.30 33.99
C GLU C 116 -8.89 6.52 33.72
N ASN C 117 -8.38 7.69 34.05
CA ASN C 117 -9.13 8.93 33.91
C ASN C 117 -9.50 9.27 32.48
N ILE C 118 -8.54 9.15 31.56
CA ILE C 118 -8.82 9.53 30.17
C ILE C 118 -9.64 8.47 29.47
N SER C 119 -9.51 7.22 29.91
CA SER C 119 -10.37 6.15 29.43
C SER C 119 -11.82 6.53 29.68
N LYS C 120 -12.09 7.02 30.90
CA LYS C 120 -13.44 7.41 31.29
C LYS C 120 -13.91 8.65 30.52
N ILE C 121 -13.03 9.63 30.42
CA ILE C 121 -13.33 10.87 29.70
C ILE C 121 -13.60 10.62 28.22
N GLY C 122 -12.85 9.71 27.63
CA GLY C 122 -13.00 9.39 26.22
C GLY C 122 -14.35 8.77 25.92
N LYS C 123 -14.73 7.77 26.72
CA LYS C 123 -16.03 7.13 26.57
C LYS C 123 -17.17 8.12 26.83
N ASP C 124 -17.04 8.89 27.90
CA ASP C 124 -18.04 9.90 28.25
C ASP C 124 -18.21 10.93 27.14
N GLY C 125 -17.14 11.18 26.39
CA GLY C 125 -17.14 12.26 25.40
C GLY C 125 -17.78 11.88 24.09
N ILE C 126 -18.20 10.62 23.97
CA ILE C 126 -18.94 10.14 22.80
C ILE C 126 -20.44 10.19 23.06
N LYS C 127 -21.11 11.15 22.41
CA LYS C 127 -22.54 11.38 22.61
C LYS C 127 -23.26 11.55 21.28
N VAL C 128 -24.48 11.02 21.19
CA VAL C 128 -25.34 11.30 20.04
C VAL C 128 -26.35 12.39 20.40
N ILE C 129 -26.38 13.45 19.60
CA ILE C 129 -27.26 14.58 19.87
C ILE C 129 -28.42 14.59 18.88
N GLU C 130 -29.62 14.36 19.40
CA GLU C 130 -30.84 14.43 18.60
C GLU C 130 -31.48 15.79 18.77
N LYS C 131 -32.31 16.17 17.80
CA LYS C 131 -33.08 17.41 17.90
C LYS C 131 -33.75 17.46 19.27
N SER C 132 -34.27 16.30 19.68
CA SER C 132 -34.96 16.17 20.97
C SER C 132 -34.14 16.66 22.17
N SER C 133 -32.83 16.46 22.12
CA SER C 133 -31.98 16.85 23.24
C SER C 133 -31.62 18.34 23.19
N LEU C 134 -31.80 18.95 22.02
CA LEU C 134 -31.49 20.36 21.85
C LEU C 134 -32.39 21.24 22.70
N LYS D 2 -32.19 6.98 1.82
CA LYS D 2 -31.43 8.08 1.23
C LYS D 2 -29.93 7.86 1.35
N GLU D 3 -29.19 8.34 0.36
CA GLU D 3 -27.74 8.33 0.39
C GLU D 3 -27.30 9.31 1.48
N LYS D 4 -26.31 8.92 2.27
CA LYS D 4 -25.90 9.73 3.42
C LYS D 4 -24.66 10.58 3.13
N PHE D 5 -24.56 11.69 3.84
CA PHE D 5 -23.44 12.60 3.69
C PHE D 5 -22.87 12.90 5.07
N VAL D 6 -21.57 12.73 5.21
CA VAL D 6 -20.94 12.91 6.51
C VAL D 6 -20.09 14.18 6.50
N LEU D 7 -20.44 15.11 7.39
CA LEU D 7 -19.68 16.33 7.57
C LEU D 7 -18.89 16.25 8.87
N ILE D 8 -17.57 16.31 8.75
CA ILE D 8 -16.69 16.25 9.91
C ILE D 8 -16.24 17.66 10.28
N ILE D 9 -16.55 18.10 11.49
CA ILE D 9 -16.12 19.43 11.94
C ILE D 9 -15.29 19.32 13.22
N THR D 10 -14.05 19.81 13.17
CA THR D 10 -13.11 19.63 14.28
C THR D 10 -12.17 20.82 14.46
N HIS D 11 -11.43 20.80 15.56
CA HIS D 11 -10.31 21.72 15.74
C HIS D 11 -9.15 21.35 14.82
N GLY D 12 -8.55 22.39 14.24
CA GLY D 12 -7.39 22.21 13.38
C GLY D 12 -7.58 21.14 12.31
N ASP D 13 -6.50 20.44 12.03
CA ASP D 13 -6.51 19.43 10.96
C ASP D 13 -6.92 18.06 11.44
N PHE D 14 -7.55 17.98 12.60
CA PHE D 14 -7.92 16.67 13.13
C PHE D 14 -8.83 15.90 12.17
N GLY D 15 -9.92 16.54 11.75
CA GLY D 15 -10.86 15.89 10.85
C GLY D 15 -10.21 15.42 9.57
N LYS D 16 -9.37 16.28 9.00
CA LYS D 16 -8.66 15.97 7.78
C LYS D 16 -7.77 14.73 7.95
N GLY D 17 -7.03 14.69 9.06
CA GLY D 17 -6.15 13.57 9.35
C GLY D 17 -6.91 12.30 9.68
N LEU D 18 -8.05 12.48 10.34
CA LEU D 18 -8.90 11.37 10.74
C LEU D 18 -9.41 10.67 9.49
N LEU D 19 -9.88 11.45 8.53
CA LEU D 19 -10.40 10.89 7.27
C LEU D 19 -9.34 10.18 6.44
N SER D 20 -8.20 10.83 6.21
CA SER D 20 -7.18 10.16 5.41
C SER D 20 -6.63 8.92 6.13
N GLY D 21 -6.58 8.97 7.46
CA GLY D 21 -6.19 7.80 8.24
C GLY D 21 -7.17 6.65 8.07
N ALA D 22 -8.46 6.97 8.14
CA ALA D 22 -9.51 5.98 7.96
C ALA D 22 -9.42 5.40 6.56
N GLU D 23 -9.03 6.24 5.61
CA GLU D 23 -8.95 5.80 4.21
C GLU D 23 -7.77 4.88 3.94
N VAL D 24 -6.75 4.92 4.79
CA VAL D 24 -5.70 3.90 4.74
C VAL D 24 -6.31 2.53 5.02
N ILE D 25 -7.30 2.51 5.91
CA ILE D 25 -7.90 1.24 6.34
C ILE D 25 -9.01 0.75 5.39
N ILE D 26 -9.85 1.67 4.92
CA ILE D 26 -11.02 1.28 4.14
C ILE D 26 -11.04 1.85 2.72
N GLY D 27 -9.95 2.50 2.32
CA GLY D 27 -9.85 3.06 0.99
C GLY D 27 -10.64 4.34 0.85
N LYS D 28 -10.43 5.02 -0.27
CA LYS D 28 -11.07 6.31 -0.55
C LYS D 28 -12.58 6.29 -0.37
N GLN D 29 -13.11 7.30 0.34
CA GLN D 29 -14.54 7.38 0.61
C GLN D 29 -15.17 8.59 -0.07
N GLU D 30 -16.39 8.42 -0.57
CA GLU D 30 -17.13 9.53 -1.15
C GLU D 30 -18.14 10.07 -0.14
N ASN D 31 -18.72 11.22 -0.43
CA ASN D 31 -19.73 11.81 0.44
C ASN D 31 -19.24 12.07 1.86
N VAL D 32 -17.96 12.40 2.00
CA VAL D 32 -17.44 12.89 3.28
C VAL D 32 -16.68 14.18 3.06
N HIS D 33 -16.90 15.16 3.93
CA HIS D 33 -16.22 16.43 3.80
C HIS D 33 -15.72 16.88 5.17
N THR D 34 -14.55 17.49 5.22
CA THR D 34 -14.04 17.97 6.50
C THR D 34 -13.93 19.48 6.59
N VAL D 35 -14.23 20.01 7.78
CA VAL D 35 -14.08 21.42 8.09
C VAL D 35 -13.28 21.52 9.38
N GLY D 36 -12.15 22.22 9.32
CA GLY D 36 -11.32 22.41 10.49
C GLY D 36 -11.32 23.86 10.96
N LEU D 37 -11.35 24.05 12.28
CA LEU D 37 -11.36 25.40 12.86
C LEU D 37 -10.00 25.73 13.49
N ASN D 38 -9.39 26.82 13.03
CA ASN D 38 -8.11 27.26 13.59
C ASN D 38 -8.23 28.58 14.36
N LEU D 39 -7.23 28.86 15.18
CA LEU D 39 -7.19 30.09 15.96
C LEU D 39 -7.41 31.29 15.05
N GLY D 40 -8.35 32.15 15.43
CA GLY D 40 -8.61 33.38 14.69
C GLY D 40 -9.66 33.23 13.61
N ASP D 41 -10.00 32.00 13.25
CA ASP D 41 -11.07 31.81 12.29
C ASP D 41 -12.31 32.53 12.80
N ASN D 42 -13.00 33.23 11.89
CA ASN D 42 -14.26 33.85 12.25
C ASN D 42 -15.32 32.76 12.33
N ILE D 43 -15.80 32.50 13.54
CA ILE D 43 -16.79 31.46 13.78
C ILE D 43 -18.03 31.63 12.90
N GLU D 44 -18.53 32.86 12.81
CA GLU D 44 -19.71 33.14 12.00
C GLU D 44 -19.43 32.84 10.53
N VAL D 45 -18.24 33.18 10.07
CA VAL D 45 -17.85 32.89 8.69
C VAL D 45 -17.90 31.39 8.41
N VAL D 46 -17.39 30.59 9.33
CA VAL D 46 -17.41 29.14 9.17
C VAL D 46 -18.82 28.59 9.26
N ARG D 47 -19.63 29.14 10.15
CA ARG D 47 -21.00 28.68 10.34
C ARG D 47 -21.81 28.83 9.05
N LYS D 48 -21.70 29.99 8.43
CA LYS D 48 -22.42 30.26 7.18
C LYS D 48 -21.98 29.27 6.10
N GLU D 49 -20.70 28.95 6.09
CA GLU D 49 -20.15 28.00 5.12
C GLU D 49 -20.71 26.59 5.35
N VAL D 50 -20.75 26.18 6.61
CA VAL D 50 -21.32 24.88 6.95
C VAL D 50 -22.80 24.84 6.55
N GLU D 51 -23.52 25.90 6.87
CA GLU D 51 -24.93 25.99 6.50
C GLU D 51 -25.11 25.82 5.00
N LYS D 52 -24.22 26.42 4.22
CA LYS D 52 -24.30 26.35 2.76
C LYS D 52 -24.09 24.92 2.29
N ILE D 53 -23.07 24.26 2.83
CA ILE D 53 -22.81 22.86 2.50
C ILE D 53 -24.03 22.01 2.82
N ILE D 54 -24.61 22.23 3.99
CA ILE D 54 -25.77 21.46 4.44
C ILE D 54 -26.98 21.67 3.54
N LYS D 55 -27.31 22.94 3.27
CA LYS D 55 -28.44 23.24 2.39
C LYS D 55 -28.28 22.55 1.04
N GLU D 56 -27.11 22.72 0.44
CA GLU D 56 -26.81 22.09 -0.84
C GLU D 56 -27.10 20.59 -0.78
N LYS D 57 -26.46 19.90 0.16
CA LYS D 57 -26.58 18.45 0.27
C LYS D 57 -28.01 18.01 0.54
N LEU D 58 -28.79 18.87 1.18
CA LEU D 58 -30.19 18.54 1.47
C LEU D 58 -31.04 18.62 0.20
N GLN D 59 -30.66 19.51 -0.71
CA GLN D 59 -31.35 19.62 -2.00
C GLN D 59 -31.17 18.35 -2.82
N GLU D 60 -30.01 17.71 -2.65
CA GLU D 60 -29.71 16.46 -3.36
C GLU D 60 -30.36 15.27 -2.65
N ASP D 61 -31.28 15.57 -1.73
CA ASP D 61 -32.01 14.52 -1.01
C ASP D 61 -31.06 13.61 -0.22
N LYS D 62 -29.99 14.20 0.32
CA LYS D 62 -29.03 13.45 1.10
C LYS D 62 -29.31 13.55 2.59
N GLU D 63 -29.08 12.46 3.30
CA GLU D 63 -29.28 12.42 4.74
C GLU D 63 -27.97 12.82 5.43
N ILE D 64 -28.03 13.85 6.26
CA ILE D 64 -26.80 14.46 6.80
C ILE D 64 -26.43 14.04 8.21
N ILE D 65 -25.18 13.60 8.38
CA ILE D 65 -24.64 13.32 9.70
C ILE D 65 -23.47 14.24 9.95
N ILE D 66 -23.48 14.93 11.07
CA ILE D 66 -22.35 15.77 11.43
C ILE D 66 -21.52 15.12 12.54
N VAL D 67 -20.23 14.95 12.28
CA VAL D 67 -19.31 14.32 13.20
C VAL D 67 -18.39 15.38 13.77
N VAL D 68 -18.33 15.50 15.09
CA VAL D 68 -17.48 16.50 15.71
C VAL D 68 -16.50 15.87 16.68
N ASP D 69 -15.43 16.59 16.96
CA ASP D 69 -14.37 16.07 17.82
C ASP D 69 -14.70 16.09 19.29
N LEU D 70 -15.23 17.22 19.78
CA LEU D 70 -15.46 17.42 21.21
C LEU D 70 -16.89 17.81 21.48
N PHE D 71 -17.47 17.24 22.54
CA PHE D 71 -18.71 17.76 23.09
C PHE D 71 -18.39 19.09 23.74
N GLY D 72 -18.72 20.18 23.05
CA GLY D 72 -18.33 21.52 23.48
C GLY D 72 -17.32 22.12 22.53
N GLY D 73 -17.17 23.45 22.56
CA GLY D 73 -16.23 24.11 21.68
C GLY D 73 -16.87 24.53 20.36
N SER D 74 -16.14 25.27 19.55
CA SER D 74 -16.68 25.88 18.32
C SER D 74 -17.26 24.90 17.30
N PRO D 75 -16.53 23.81 16.99
CA PRO D 75 -17.12 22.88 16.02
C PRO D 75 -18.47 22.33 16.48
N PHE D 76 -18.54 21.97 17.76
CA PHE D 76 -19.78 21.43 18.32
C PHE D 76 -20.90 22.49 18.31
N ASN D 77 -20.53 23.75 18.58
CA ASN D 77 -21.51 24.84 18.56
C ASN D 77 -22.09 25.06 17.16
N ILE D 78 -21.22 25.10 16.16
CA ILE D 78 -21.67 25.17 14.77
C ILE D 78 -22.61 24.02 14.43
N ALA D 79 -22.28 22.81 14.88
CA ALA D 79 -23.09 21.65 14.60
C ALA D 79 -24.46 21.80 15.25
N LEU D 80 -24.48 22.29 16.49
CA LEU D 80 -25.72 22.49 17.20
C LEU D 80 -26.64 23.48 16.48
N SER D 81 -26.06 24.56 15.99
CA SER D 81 -26.85 25.59 15.32
C SER D 81 -27.48 25.07 14.04
N MET D 82 -26.87 24.06 13.44
CA MET D 82 -27.39 23.45 12.22
C MET D 82 -28.58 22.55 12.53
N MET D 83 -28.43 21.76 13.58
CA MET D 83 -29.46 20.84 14.02
C MET D 83 -30.74 21.59 14.34
N LYS D 84 -30.59 22.83 14.77
CA LYS D 84 -31.72 23.68 15.12
C LYS D 84 -32.61 23.98 13.92
N GLU D 85 -32.00 24.37 12.81
CA GLU D 85 -32.74 24.75 11.61
C GLU D 85 -32.96 23.60 10.62
N TYR D 86 -32.04 22.64 10.61
CA TYR D 86 -32.12 21.56 9.63
C TYR D 86 -32.23 20.20 10.30
N ASP D 87 -32.68 19.21 9.52
CA ASP D 87 -32.81 17.84 10.01
C ASP D 87 -31.45 17.12 9.93
N VAL D 88 -30.58 17.41 10.88
CA VAL D 88 -29.27 16.74 10.92
C VAL D 88 -29.08 16.06 12.27
N LYS D 89 -28.27 15.00 12.28
CA LYS D 89 -27.94 14.31 13.51
C LYS D 89 -26.44 14.49 13.79
N VAL D 90 -26.10 14.65 15.06
CA VAL D 90 -24.74 14.97 15.44
C VAL D 90 -24.16 13.89 16.38
N ILE D 91 -22.91 13.50 16.16
CA ILE D 91 -22.22 12.61 17.08
C ILE D 91 -20.86 13.20 17.48
N THR D 92 -20.51 13.06 18.75
CA THR D 92 -19.32 13.70 19.29
C THR D 92 -18.24 12.70 19.69
N GLY D 93 -17.05 13.20 19.98
CA GLY D 93 -15.95 12.36 20.46
C GLY D 93 -15.44 11.35 19.45
N ILE D 94 -15.52 11.69 18.17
CA ILE D 94 -15.16 10.76 17.10
C ILE D 94 -13.76 10.16 17.26
N ASN D 95 -13.68 8.83 17.14
CA ASN D 95 -12.38 8.16 17.07
C ASN D 95 -12.30 7.24 15.84
N MET D 96 -11.19 6.53 15.67
CA MET D 96 -10.97 5.77 14.44
C MET D 96 -11.94 4.59 14.24
N PRO D 97 -12.12 3.76 15.27
CA PRO D 97 -13.09 2.66 15.15
C PRO D 97 -14.46 3.16 14.69
N MET D 98 -14.92 4.27 15.28
CA MET D 98 -16.20 4.89 14.92
C MET D 98 -16.29 5.31 13.47
N LEU D 99 -15.29 6.02 12.98
CA LEU D 99 -15.35 6.50 11.60
C LEU D 99 -15.26 5.35 10.59
N VAL D 100 -14.37 4.41 10.85
CA VAL D 100 -14.21 3.25 9.98
C VAL D 100 -15.55 2.52 9.87
N GLU D 101 -16.20 2.30 11.00
CA GLU D 101 -17.49 1.61 11.02
C GLU D 101 -18.57 2.44 10.35
N LEU D 102 -18.60 3.73 10.68
CA LEU D 102 -19.59 4.64 10.13
C LEU D 102 -19.57 4.62 8.62
N LEU D 103 -18.39 4.80 8.03
CA LEU D 103 -18.28 4.93 6.59
C LEU D 103 -18.46 3.62 5.83
N THR D 104 -18.09 2.50 6.44
CA THR D 104 -18.18 1.22 5.75
C THR D 104 -19.62 0.71 5.74
N SER D 105 -20.37 1.02 6.79
CA SER D 105 -21.74 0.56 6.92
C SER D 105 -22.73 1.72 6.77
N ILE D 106 -22.33 2.74 6.02
CA ILE D 106 -23.13 3.96 5.89
C ILE D 106 -24.46 3.71 5.19
N ASN D 107 -24.49 2.72 4.30
CA ASN D 107 -25.69 2.40 3.55
C ASN D 107 -26.38 1.14 4.03
N VAL D 108 -26.13 0.76 5.28
CA VAL D 108 -26.66 -0.48 5.82
C VAL D 108 -27.71 -0.24 6.90
N TYR D 109 -27.58 0.87 7.62
CA TYR D 109 -28.51 1.16 8.70
C TYR D 109 -29.13 2.54 8.53
N ASP D 110 -30.30 2.73 9.15
CA ASP D 110 -30.90 4.04 9.27
C ASP D 110 -30.03 4.86 10.19
N THR D 111 -29.93 6.16 9.92
CA THR D 111 -29.04 7.02 10.70
C THR D 111 -29.13 6.75 12.21
N THR D 112 -30.35 6.64 12.73
CA THR D 112 -30.54 6.47 14.16
C THR D 112 -29.87 5.21 14.72
N GLU D 113 -30.18 4.06 14.14
CA GLU D 113 -29.56 2.82 14.59
C GLU D 113 -28.06 2.89 14.33
N LEU D 114 -27.69 3.52 13.23
CA LEU D 114 -26.29 3.65 12.81
C LEU D 114 -25.45 4.36 13.87
N LEU D 115 -25.92 5.51 14.33
CA LEU D 115 -25.19 6.29 15.33
C LEU D 115 -25.19 5.58 16.67
N GLU D 116 -26.27 4.85 16.95
CA GLU D 116 -26.33 4.05 18.15
C GLU D 116 -25.20 3.02 18.11
N ASN D 117 -25.06 2.36 16.96
CA ASN D 117 -24.04 1.35 16.76
C ASN D 117 -22.62 1.89 16.88
N ILE D 118 -22.31 2.97 16.19
CA ILE D 118 -20.94 3.48 16.23
C ILE D 118 -20.60 4.12 17.57
N SER D 119 -21.61 4.59 18.29
CA SER D 119 -21.39 5.08 19.64
C SER D 119 -20.85 3.96 20.53
N LYS D 120 -21.45 2.79 20.42
CA LYS D 120 -21.05 1.63 21.20
C LYS D 120 -19.65 1.15 20.82
N ILE D 121 -19.40 1.10 19.52
CA ILE D 121 -18.10 0.69 18.98
C ILE D 121 -16.98 1.64 19.44
N GLY D 122 -17.27 2.93 19.46
CA GLY D 122 -16.27 3.91 19.85
C GLY D 122 -15.88 3.77 21.30
N LYS D 123 -16.89 3.59 22.16
CA LYS D 123 -16.67 3.45 23.59
C LYS D 123 -15.90 2.17 23.88
N ASP D 124 -16.34 1.07 23.27
CA ASP D 124 -15.68 -0.23 23.39
C ASP D 124 -14.25 -0.20 22.87
N GLY D 125 -13.99 0.64 21.87
CA GLY D 125 -12.67 0.70 21.27
C GLY D 125 -11.62 1.40 22.11
N ILE D 126 -12.04 1.99 23.22
CA ILE D 126 -11.12 2.64 24.15
C ILE D 126 -10.74 1.67 25.26
N LYS D 127 -9.48 1.24 25.26
CA LYS D 127 -8.98 0.24 26.19
C LYS D 127 -7.59 0.60 26.67
N VAL D 128 -7.34 0.40 27.96
CA VAL D 128 -5.99 0.50 28.50
C VAL D 128 -5.36 -0.88 28.51
N ILE D 129 -4.17 -1.00 27.94
CA ILE D 129 -3.49 -2.29 27.85
C ILE D 129 -2.31 -2.31 28.83
N MET E 1 28.46 2.66 8.18
CA MET E 1 27.96 2.31 6.86
C MET E 1 29.08 2.48 5.83
N LYS E 2 29.21 1.49 4.93
CA LYS E 2 30.20 1.57 3.87
C LYS E 2 29.85 2.69 2.90
N GLU E 3 30.85 3.22 2.20
CA GLU E 3 30.57 4.14 1.10
C GLU E 3 29.91 3.37 -0.04
N LYS E 4 29.08 4.04 -0.82
CA LYS E 4 28.31 3.37 -1.87
C LYS E 4 28.75 3.77 -3.28
N PHE E 5 28.58 2.86 -4.24
CA PHE E 5 28.87 3.16 -5.64
C PHE E 5 27.66 2.78 -6.49
N VAL E 6 27.27 3.67 -7.40
CA VAL E 6 26.11 3.42 -8.24
C VAL E 6 26.53 3.21 -9.69
N LEU E 7 26.20 2.03 -10.21
CA LEU E 7 26.45 1.72 -11.61
C LEU E 7 25.14 1.72 -12.38
N ILE E 8 25.03 2.59 -13.37
CA ILE E 8 23.83 2.68 -14.19
C ILE E 8 24.08 1.96 -15.51
N ILE E 9 23.25 0.98 -15.85
CA ILE E 9 23.43 0.24 -17.10
C ILE E 9 22.13 0.25 -17.88
N THR E 10 22.18 0.79 -19.09
CA THR E 10 20.95 1.00 -19.85
C THR E 10 21.22 0.79 -21.33
N HIS E 11 20.16 0.85 -22.13
CA HIS E 11 20.28 0.86 -23.58
C HIS E 11 20.68 2.26 -24.02
N GLY E 12 21.61 2.30 -24.98
CA GLY E 12 22.06 3.54 -25.58
C GLY E 12 22.51 4.59 -24.58
N ASP E 13 22.20 5.85 -24.88
CA ASP E 13 22.63 6.98 -24.05
C ASP E 13 21.66 7.31 -22.93
N PHE E 14 20.73 6.40 -22.64
CA PHE E 14 19.74 6.70 -21.62
C PHE E 14 20.39 7.00 -20.27
N GLY E 15 21.29 6.13 -19.81
CA GLY E 15 21.90 6.32 -18.51
C GLY E 15 22.76 7.58 -18.45
N LYS E 16 23.52 7.82 -19.51
CA LYS E 16 24.35 9.02 -19.60
C LYS E 16 23.51 10.31 -19.47
N GLY E 17 22.41 10.35 -20.22
CA GLY E 17 21.51 11.50 -20.23
C GLY E 17 20.71 11.65 -18.95
N LEU E 18 20.28 10.53 -18.37
CA LEU E 18 19.60 10.55 -17.09
C LEU E 18 20.49 11.13 -15.99
N LEU E 19 21.75 10.67 -15.96
CA LEU E 19 22.68 11.17 -14.95
C LEU E 19 22.96 12.65 -15.18
N SER E 20 23.22 12.99 -16.43
CA SER E 20 23.44 14.37 -16.86
C SER E 20 22.30 15.30 -16.39
N GLY E 21 21.07 14.86 -16.67
CA GLY E 21 19.88 15.59 -16.30
C GLY E 21 19.70 15.74 -14.81
N ALA E 22 19.91 14.65 -14.08
CA ALA E 22 19.86 14.69 -12.63
C ALA E 22 20.85 15.70 -12.07
N GLU E 23 22.04 15.77 -12.66
CA GLU E 23 23.07 16.69 -12.16
C GLU E 23 22.73 18.17 -12.43
N VAL E 24 21.85 18.42 -13.40
CA VAL E 24 21.32 19.77 -13.58
C VAL E 24 20.63 20.21 -12.28
N ILE E 25 20.04 19.24 -11.59
CA ILE E 25 19.30 19.52 -10.35
C ILE E 25 20.20 19.46 -9.12
N ILE E 26 20.90 18.34 -8.95
CA ILE E 26 21.63 18.04 -7.71
C ILE E 26 23.14 18.21 -7.81
N GLY E 27 23.61 18.77 -8.92
CA GLY E 27 25.04 19.02 -9.07
C GLY E 27 25.82 17.77 -9.42
N LYS E 28 27.08 17.96 -9.82
CA LYS E 28 27.93 16.86 -10.25
C LYS E 28 28.10 15.80 -9.16
N GLN E 29 27.92 14.53 -9.51
CA GLN E 29 27.96 13.47 -8.51
C GLN E 29 29.23 12.63 -8.64
N GLU E 30 29.76 12.19 -7.50
CA GLU E 30 30.86 11.23 -7.51
C GLU E 30 30.29 9.83 -7.28
N ASN E 31 31.14 8.83 -7.45
CA ASN E 31 30.74 7.45 -7.24
C ASN E 31 29.48 7.04 -8.01
N VAL E 32 29.33 7.58 -9.22
CA VAL E 32 28.32 7.11 -10.15
C VAL E 32 28.99 6.90 -11.50
N HIS E 33 28.61 5.82 -12.20
CA HIS E 33 29.20 5.52 -13.48
C HIS E 33 28.12 4.97 -14.40
N THR E 34 28.17 5.34 -15.68
CA THR E 34 27.18 4.84 -16.63
C THR E 34 27.82 3.95 -17.70
N VAL E 35 27.06 2.95 -18.10
CA VAL E 35 27.45 2.05 -19.18
C VAL E 35 26.23 1.88 -20.06
N GLY E 36 26.40 2.12 -21.37
CA GLY E 36 25.31 2.03 -22.30
C GLY E 36 25.53 0.92 -23.33
N LEU E 37 24.45 0.23 -23.69
CA LEU E 37 24.50 -0.84 -24.67
C LEU E 37 23.93 -0.36 -26.00
N ASN E 38 24.75 -0.36 -27.03
CA ASN E 38 24.30 0.08 -28.35
C ASN E 38 24.18 -1.06 -29.36
N LEU E 39 23.49 -0.81 -30.46
CA LEU E 39 23.40 -1.80 -31.54
C LEU E 39 24.79 -2.15 -32.02
N GLY E 40 25.05 -3.46 -32.19
CA GLY E 40 26.35 -3.93 -32.62
C GLY E 40 27.33 -4.25 -31.50
N ASP E 41 27.07 -3.75 -30.29
CA ASP E 41 27.99 -4.00 -29.17
C ASP E 41 28.09 -5.50 -28.86
N ASN E 42 29.29 -5.94 -28.54
CA ASN E 42 29.48 -7.30 -28.05
C ASN E 42 29.09 -7.37 -26.57
N ILE E 43 27.94 -7.98 -26.31
CA ILE E 43 27.34 -7.98 -24.98
C ILE E 43 28.23 -8.63 -23.92
N GLU E 44 29.04 -9.60 -24.35
CA GLU E 44 29.97 -10.25 -23.44
C GLU E 44 31.12 -9.33 -23.06
N VAL E 45 31.58 -8.52 -24.00
CA VAL E 45 32.61 -7.55 -23.70
C VAL E 45 32.05 -6.56 -22.68
N VAL E 46 30.81 -6.14 -22.88
CA VAL E 46 30.19 -5.19 -21.95
C VAL E 46 30.05 -5.81 -20.55
N ARG E 47 29.57 -7.05 -20.49
CA ARG E 47 29.46 -7.77 -19.22
C ARG E 47 30.80 -7.77 -18.48
N LYS E 48 31.87 -8.03 -19.22
CA LYS E 48 33.19 -8.10 -18.61
C LYS E 48 33.68 -6.77 -18.09
N GLU E 49 33.40 -5.70 -18.83
CA GLU E 49 33.74 -4.35 -18.38
C GLU E 49 33.00 -4.01 -17.09
N VAL E 50 31.72 -4.37 -17.03
CA VAL E 50 30.92 -4.14 -15.83
C VAL E 50 31.51 -4.94 -14.67
N GLU E 51 31.84 -6.21 -14.92
CA GLU E 51 32.39 -7.05 -13.88
C GLU E 51 33.67 -6.46 -13.32
N LYS E 52 34.46 -5.84 -14.20
CA LYS E 52 35.74 -5.24 -13.77
C LYS E 52 35.49 -4.11 -12.79
N ILE E 53 34.57 -3.21 -13.15
CA ILE E 53 34.22 -2.08 -12.31
C ILE E 53 33.74 -2.53 -10.94
N ILE E 54 32.83 -3.51 -10.93
CA ILE E 54 32.30 -4.01 -9.68
C ILE E 54 33.39 -4.62 -8.79
N LYS E 55 34.25 -5.45 -9.38
CA LYS E 55 35.35 -6.04 -8.63
C LYS E 55 36.26 -4.97 -8.03
N GLU E 56 36.62 -3.98 -8.85
CA GLU E 56 37.45 -2.88 -8.38
C GLU E 56 36.82 -2.13 -7.21
N LYS E 57 35.50 -1.97 -7.24
CA LYS E 57 34.81 -1.21 -6.18
C LYS E 57 34.64 -2.03 -4.90
N LEU E 58 34.37 -3.32 -5.04
CA LEU E 58 34.24 -4.19 -3.89
C LEU E 58 35.58 -4.27 -3.17
N GLN E 59 36.66 -4.12 -3.95
CA GLN E 59 38.02 -4.14 -3.41
C GLN E 59 38.30 -2.89 -2.60
N GLU E 60 37.47 -1.87 -2.77
CA GLU E 60 37.61 -0.64 -2.00
C GLU E 60 36.61 -0.63 -0.85
N ASP E 61 36.07 -1.79 -0.53
CA ASP E 61 35.08 -1.94 0.52
C ASP E 61 33.88 -1.04 0.30
N LYS E 62 33.53 -0.82 -0.96
CA LYS E 62 32.33 -0.04 -1.28
C LYS E 62 31.13 -0.96 -1.50
N GLU E 63 29.95 -0.42 -1.25
CA GLU E 63 28.72 -1.14 -1.51
C GLU E 63 28.33 -0.81 -2.94
N ILE E 64 27.79 -1.77 -3.67
CA ILE E 64 27.46 -1.53 -5.07
C ILE E 64 25.96 -1.61 -5.34
N ILE E 65 25.42 -0.56 -5.96
CA ILE E 65 24.02 -0.53 -6.36
C ILE E 65 23.99 -0.44 -7.87
N ILE E 66 23.33 -1.39 -8.53
CA ILE E 66 23.19 -1.35 -9.98
C ILE E 66 21.81 -0.89 -10.39
N VAL E 67 21.76 0.19 -11.17
CA VAL E 67 20.52 0.74 -11.66
C VAL E 67 20.35 0.43 -13.14
N VAL E 68 19.22 -0.15 -13.51
CA VAL E 68 18.98 -0.51 -14.92
C VAL E 68 17.69 0.08 -15.47
N ASP E 69 17.64 0.26 -16.78
CA ASP E 69 16.50 0.91 -17.39
C ASP E 69 15.24 0.05 -17.45
N LEU E 70 15.42 -1.22 -17.76
CA LEU E 70 14.31 -2.09 -18.11
CA LEU E 70 14.31 -2.08 -18.13
C LEU E 70 14.43 -3.45 -17.45
N PHE E 71 13.33 -3.98 -16.97
CA PHE E 71 13.33 -5.34 -16.44
C PHE E 71 13.29 -6.28 -17.64
N GLY E 72 14.39 -6.99 -17.87
CA GLY E 72 14.54 -7.77 -19.09
C GLY E 72 15.35 -6.97 -20.08
N GLY E 73 16.12 -7.65 -20.92
CA GLY E 73 17.01 -6.96 -21.83
C GLY E 73 18.44 -7.10 -21.35
N SER E 74 19.38 -6.84 -22.25
CA SER E 74 20.79 -7.10 -21.98
C SER E 74 21.34 -6.38 -20.75
N PRO E 75 21.03 -5.08 -20.60
CA PRO E 75 21.52 -4.42 -19.39
C PRO E 75 21.02 -5.15 -18.14
N PHE E 76 19.75 -5.51 -18.13
CA PHE E 76 19.16 -6.21 -17.00
C PHE E 76 19.83 -7.57 -16.80
N ASN E 77 20.07 -8.29 -17.88
CA ASN E 77 20.71 -9.61 -17.79
C ASN E 77 22.14 -9.51 -17.28
N ILE E 78 22.87 -8.50 -17.74
CA ILE E 78 24.20 -8.23 -17.21
C ILE E 78 24.15 -7.96 -15.71
N ALA E 79 23.22 -7.13 -15.28
CA ALA E 79 23.06 -6.84 -13.86
C ALA E 79 22.80 -8.12 -13.06
N LEU E 80 21.90 -8.96 -13.56
CA LEU E 80 21.57 -10.20 -12.86
C LEU E 80 22.78 -11.13 -12.73
N SER E 81 23.62 -11.15 -13.76
CA SER E 81 24.79 -12.02 -13.74
C SER E 81 25.79 -11.58 -12.68
N MET E 82 25.82 -10.29 -12.41
CA MET E 82 26.67 -9.74 -11.35
C MET E 82 26.14 -10.14 -9.99
N MET E 83 24.83 -10.07 -9.83
CA MET E 83 24.19 -10.44 -8.57
C MET E 83 24.48 -11.90 -8.27
N LYS E 84 24.68 -12.68 -9.33
CA LYS E 84 24.95 -14.11 -9.18
C LYS E 84 26.27 -14.37 -8.49
N GLU E 85 27.31 -13.63 -8.86
CA GLU E 85 28.66 -13.89 -8.36
C GLU E 85 29.12 -12.84 -7.35
N TYR E 86 28.39 -11.74 -7.24
CA TYR E 86 28.80 -10.65 -6.36
C TYR E 86 27.68 -10.14 -5.45
N ASP E 87 28.10 -9.43 -4.39
CA ASP E 87 27.17 -8.83 -3.46
C ASP E 87 26.74 -7.46 -4.00
N VAL E 88 25.72 -7.45 -4.84
CA VAL E 88 25.20 -6.20 -5.37
C VAL E 88 23.69 -6.18 -5.29
N LYS E 89 23.11 -4.98 -5.28
CA LYS E 89 21.67 -4.83 -5.34
C LYS E 89 21.29 -4.22 -6.69
N VAL E 90 20.11 -4.57 -7.18
CA VAL E 90 19.66 -4.10 -8.48
C VAL E 90 18.26 -3.49 -8.38
N ILE E 91 18.05 -2.40 -9.10
CA ILE E 91 16.71 -1.82 -9.20
C ILE E 91 16.46 -1.43 -10.65
N THR E 92 15.25 -1.70 -11.14
CA THR E 92 14.93 -1.50 -12.55
C THR E 92 13.95 -0.34 -12.74
N GLY E 93 13.69 0.02 -13.99
CA GLY E 93 12.70 1.03 -14.33
C GLY E 93 13.07 2.44 -13.88
N ILE E 94 14.37 2.72 -13.76
CA ILE E 94 14.82 3.98 -13.19
C ILE E 94 14.22 5.21 -13.90
N ASN E 95 13.74 6.16 -13.11
CA ASN E 95 13.31 7.47 -13.64
C ASN E 95 13.93 8.64 -12.85
N MET E 96 13.60 9.88 -13.24
CA MET E 96 14.26 11.04 -12.64
C MET E 96 14.03 11.18 -11.13
N PRO E 97 12.77 11.07 -10.66
CA PRO E 97 12.59 11.23 -9.20
C PRO E 97 13.37 10.19 -8.41
N MET E 98 13.48 8.98 -8.97
CA MET E 98 14.25 7.91 -8.34
C MET E 98 15.72 8.24 -8.24
N LEU E 99 16.34 8.64 -9.35
CA LEU E 99 17.79 8.88 -9.33
C LEU E 99 18.13 10.08 -8.46
N VAL E 100 17.32 11.12 -8.56
CA VAL E 100 17.51 12.30 -7.72
C VAL E 100 17.54 11.93 -6.23
N GLU E 101 16.54 11.18 -5.79
CA GLU E 101 16.46 10.81 -4.38
C GLU E 101 17.57 9.81 -4.02
N LEU E 102 17.84 8.86 -4.91
CA LEU E 102 18.89 7.88 -4.64
C LEU E 102 20.24 8.57 -4.38
N LEU E 103 20.63 9.46 -5.28
CA LEU E 103 21.95 10.08 -5.17
C LEU E 103 22.02 11.06 -4.01
N THR E 104 20.91 11.73 -3.72
CA THR E 104 20.93 12.70 -2.63
C THR E 104 20.94 12.03 -1.24
N SER E 105 20.30 10.86 -1.14
CA SER E 105 20.16 10.22 0.16
CA SER E 105 20.15 10.19 0.14
C SER E 105 21.04 8.97 0.28
N ILE E 106 21.98 8.83 -0.64
CA ILE E 106 22.82 7.64 -0.70
C ILE E 106 23.51 7.28 0.62
N ASN E 107 23.93 8.29 1.38
CA ASN E 107 24.62 8.06 2.64
C ASN E 107 23.77 8.30 3.87
N VAL E 108 22.48 8.52 3.66
CA VAL E 108 21.53 8.74 4.75
C VAL E 108 20.85 7.43 5.16
N TYR E 109 20.69 6.50 4.22
CA TYR E 109 19.98 5.27 4.49
C TYR E 109 20.82 4.03 4.21
N ASP E 110 20.55 2.95 4.96
CA ASP E 110 21.10 1.66 4.60
C ASP E 110 20.53 1.34 3.21
N THR E 111 21.26 0.58 2.41
CA THR E 111 20.88 0.37 1.02
C THR E 111 19.50 -0.26 0.83
N THR E 112 19.18 -1.25 1.66
CA THR E 112 17.92 -1.97 1.50
C THR E 112 16.73 -1.02 1.71
N GLU E 113 16.81 -0.24 2.78
CA GLU E 113 15.77 0.74 3.07
C GLU E 113 15.70 1.78 1.95
N LEU E 114 16.87 2.21 1.50
CA LEU E 114 16.94 3.23 0.46
C LEU E 114 16.24 2.75 -0.81
N LEU E 115 16.53 1.53 -1.23
CA LEU E 115 15.96 1.05 -2.48
C LEU E 115 14.44 0.88 -2.39
N GLU E 116 13.95 0.41 -1.24
CA GLU E 116 12.52 0.27 -1.06
C GLU E 116 11.87 1.66 -1.16
N ASN E 117 12.49 2.66 -0.55
CA ASN E 117 11.98 4.04 -0.59
C ASN E 117 11.94 4.57 -2.03
N ILE E 118 13.02 4.37 -2.77
CA ILE E 118 13.03 4.97 -4.11
CA ILE E 118 13.13 4.89 -4.14
C ILE E 118 12.10 4.24 -5.05
N SER E 119 11.85 2.95 -4.79
CA SER E 119 10.85 2.24 -5.58
C SER E 119 9.48 2.92 -5.46
N LYS E 120 9.11 3.26 -4.22
CA LYS E 120 7.84 3.94 -3.95
C LYS E 120 7.83 5.32 -4.62
N ILE E 121 8.94 6.04 -4.46
CA ILE E 121 9.09 7.37 -5.03
C ILE E 121 8.93 7.33 -6.56
N GLY E 122 9.57 6.35 -7.19
CA GLY E 122 9.46 6.18 -8.62
C GLY E 122 8.04 5.99 -9.07
N LYS E 123 7.30 5.12 -8.39
CA LYS E 123 5.92 4.80 -8.77
C LYS E 123 4.98 5.99 -8.53
N ASP E 124 5.15 6.65 -7.39
CA ASP E 124 4.37 7.83 -7.04
C ASP E 124 4.62 8.97 -8.01
N GLY E 125 5.81 8.97 -8.61
CA GLY E 125 6.21 10.09 -9.44
C GLY E 125 5.64 10.02 -10.84
N ILE E 126 4.91 8.94 -11.13
CA ILE E 126 4.29 8.75 -12.44
C ILE E 126 2.82 9.12 -12.34
N LYS E 127 2.45 10.24 -12.98
CA LYS E 127 1.09 10.77 -12.90
C LYS E 127 0.61 11.26 -14.25
N VAL E 128 -0.67 11.03 -14.51
CA VAL E 128 -1.30 11.51 -15.74
C VAL E 128 -2.09 12.76 -15.41
N ILE E 129 -1.83 13.82 -16.16
CA ILE E 129 -2.48 15.10 -15.89
C ILE E 129 -3.24 15.59 -17.11
N GLU E 130 -4.54 15.80 -16.93
CA GLU E 130 -5.38 16.35 -17.99
C GLU E 130 -6.00 17.66 -17.48
N LYS E 131 -6.40 18.52 -18.41
CA LYS E 131 -6.96 19.81 -18.03
C LYS E 131 -8.04 19.64 -16.96
N SER E 132 -8.86 18.61 -17.14
CA SER E 132 -10.00 18.38 -16.25
C SER E 132 -9.60 18.03 -14.82
N SER E 133 -8.64 17.12 -14.66
CA SER E 133 -8.21 16.69 -13.33
C SER E 133 -7.64 17.87 -12.52
N LEU E 134 -7.09 18.85 -13.22
CA LEU E 134 -6.58 20.05 -12.57
C LEU E 134 -7.71 20.90 -11.99
N LYS E 135 -8.70 21.21 -12.83
CA LYS E 135 -9.82 22.04 -12.41
C LYS E 135 -10.55 21.43 -11.22
N MET E 136 -10.57 20.11 -11.16
CA MET E 136 -11.29 19.41 -10.10
C MET E 136 -10.58 19.54 -8.75
N LEU E 137 -9.39 20.12 -8.75
CA LEU E 137 -8.64 20.31 -7.50
C LEU E 137 -9.07 21.56 -6.74
N GLU E 138 -9.83 22.43 -7.40
CA GLU E 138 -10.23 23.70 -6.81
C GLU E 138 -11.21 23.52 -5.65
N GLU F 3 -3.52 10.83 -35.54
CA GLU F 3 -2.07 10.71 -35.48
C GLU F 3 -1.53 11.48 -34.26
N LYS F 4 -0.61 10.87 -33.53
CA LYS F 4 -0.13 11.48 -32.29
C LYS F 4 1.29 12.00 -32.42
N PHE F 5 1.59 13.03 -31.64
CA PHE F 5 2.93 13.57 -31.54
C PHE F 5 3.36 13.59 -30.09
N VAL F 6 4.58 13.13 -29.82
CA VAL F 6 5.10 13.09 -28.46
C VAL F 6 6.21 14.10 -28.28
N LEU F 7 6.03 15.01 -27.31
CA LEU F 7 7.07 15.97 -26.96
C LEU F 7 7.62 15.61 -25.58
N ILE F 8 8.92 15.36 -25.49
CA ILE F 8 9.55 15.04 -24.22
C ILE F 8 10.30 16.27 -23.70
N ILE F 9 9.98 16.71 -22.48
CA ILE F 9 10.65 17.85 -21.88
C ILE F 9 11.24 17.45 -20.54
N THR F 10 12.55 17.63 -20.40
CA THR F 10 13.25 17.18 -19.20
C THR F 10 14.32 18.16 -18.81
N HIS F 11 14.90 17.96 -17.62
CA HIS F 11 16.15 18.63 -17.28
C HIS F 11 17.30 18.00 -18.08
N GLY F 12 18.23 18.82 -18.57
CA GLY F 12 19.41 18.33 -19.26
C GLY F 12 19.12 17.39 -20.43
N ASP F 13 20.02 16.42 -20.62
CA ASP F 13 19.96 15.51 -21.76
C ASP F 13 19.15 14.24 -21.49
N PHE F 14 18.39 14.21 -20.39
CA PHE F 14 17.62 13.01 -20.06
C PHE F 14 16.70 12.56 -21.22
N GLY F 15 15.79 13.44 -21.63
CA GLY F 15 14.85 13.12 -22.70
C GLY F 15 15.54 12.67 -23.98
N LYS F 16 16.61 13.36 -24.35
CA LYS F 16 17.39 12.98 -25.52
C LYS F 16 17.92 11.55 -25.35
N GLY F 17 18.53 11.28 -24.21
CA GLY F 17 19.12 9.97 -23.96
C GLY F 17 18.09 8.86 -23.86
N LEU F 18 16.97 9.19 -23.24
CA LEU F 18 15.84 8.27 -23.14
C LEU F 18 15.35 7.85 -24.53
N LEU F 19 15.16 8.83 -25.41
CA LEU F 19 14.71 8.52 -26.76
C LEU F 19 15.76 7.70 -27.53
N SER F 20 17.01 8.10 -27.42
CA SER F 20 18.13 7.34 -27.99
C SER F 20 18.08 5.87 -27.58
N GLY F 21 17.97 5.66 -26.29
CA GLY F 21 17.91 4.33 -25.72
C GLY F 21 16.70 3.53 -26.14
N ALA F 22 15.55 4.18 -26.22
CA ALA F 22 14.36 3.46 -26.65
C ALA F 22 14.49 2.99 -28.10
N GLU F 23 15.18 3.80 -28.91
CA GLU F 23 15.34 3.50 -30.34
C GLU F 23 16.33 2.37 -30.60
N VAL F 24 17.24 2.13 -29.65
CA VAL F 24 18.08 0.92 -29.69
C VAL F 24 17.18 -0.32 -29.64
N ILE F 25 16.09 -0.19 -28.88
CA ILE F 25 15.15 -1.29 -28.66
C ILE F 25 14.09 -1.42 -29.77
N ILE F 26 13.50 -0.30 -30.20
CA ILE F 26 12.39 -0.38 -31.16
C ILE F 26 12.65 0.27 -32.51
N GLY F 27 13.86 0.79 -32.70
CA GLY F 27 14.22 1.42 -33.96
C GLY F 27 13.87 2.91 -34.00
N LYS F 28 14.45 3.61 -34.96
CA LYS F 28 14.21 5.04 -35.11
C LYS F 28 12.73 5.36 -35.17
N GLN F 29 12.32 6.36 -34.40
CA GLN F 29 10.92 6.76 -34.33
C GLN F 29 10.72 8.14 -34.93
N GLU F 30 9.53 8.35 -35.49
CA GLU F 30 9.14 9.67 -35.97
C GLU F 30 8.09 10.21 -35.00
N ASN F 31 7.75 11.48 -35.15
CA ASN F 31 6.71 12.07 -34.31
C ASN F 31 7.07 12.09 -32.82
N VAL F 32 8.36 12.15 -32.53
CA VAL F 32 8.83 12.41 -31.16
C VAL F 32 9.88 13.50 -31.20
N HIS F 33 9.78 14.47 -30.29
CA HIS F 33 10.75 15.55 -30.24
C HIS F 33 11.14 15.73 -28.79
N THR F 34 12.41 16.02 -28.53
CA THR F 34 12.87 16.26 -27.16
C THR F 34 13.37 17.67 -26.94
N VAL F 35 13.14 18.18 -25.73
CA VAL F 35 13.59 19.50 -25.35
C VAL F 35 14.23 19.40 -23.98
N GLY F 36 15.46 19.89 -23.86
CA GLY F 36 16.19 19.78 -22.61
C GLY F 36 16.48 21.12 -21.98
N LEU F 37 16.20 21.23 -20.70
CA LEU F 37 16.50 22.46 -19.95
C LEU F 37 17.86 22.37 -19.28
N ASN F 38 18.78 23.23 -19.70
CA ASN F 38 20.11 23.30 -19.10
C ASN F 38 20.25 24.50 -18.17
N LEU F 39 21.21 24.45 -17.26
CA LEU F 39 21.49 25.60 -16.42
C LEU F 39 21.92 26.75 -17.33
N GLY F 40 21.41 27.95 -17.08
CA GLY F 40 21.76 29.09 -17.92
C GLY F 40 20.84 29.29 -19.11
N ASP F 41 19.94 28.34 -19.33
CA ASP F 41 18.90 28.54 -20.33
C ASP F 41 17.94 29.59 -19.83
N ASN F 42 17.45 30.43 -20.74
CA ASN F 42 16.35 31.33 -20.42
C ASN F 42 15.06 30.55 -20.55
N ILE F 43 14.38 30.31 -19.42
CA ILE F 43 13.26 29.37 -19.42
C ILE F 43 12.06 29.90 -20.20
N GLU F 44 11.87 31.21 -20.22
CA GLU F 44 10.77 31.77 -21.00
C GLU F 44 11.01 31.59 -22.50
N VAL F 45 12.28 31.63 -22.90
CA VAL F 45 12.63 31.35 -24.28
C VAL F 45 12.28 29.89 -24.64
N VAL F 46 12.63 28.96 -23.76
CA VAL F 46 12.30 27.56 -23.99
C VAL F 46 10.79 27.37 -24.03
N ARG F 47 10.07 28.05 -23.14
CA ARG F 47 8.60 27.95 -23.15
C ARG F 47 8.04 28.30 -24.53
N LYS F 48 8.54 29.38 -25.13
CA LYS F 48 8.06 29.82 -26.44
C LYS F 48 8.41 28.82 -27.53
N GLU F 49 9.63 28.27 -27.46
CA GLU F 49 10.06 27.24 -28.42
C GLU F 49 9.11 26.04 -28.37
N VAL F 50 8.73 25.66 -27.16
CA VAL F 50 7.82 24.55 -26.96
C VAL F 50 6.45 24.89 -27.52
N GLU F 51 5.97 26.08 -27.20
CA GLU F 51 4.67 26.51 -27.69
C GLU F 51 4.61 26.49 -29.22
N LYS F 52 5.69 26.91 -29.87
CA LYS F 52 5.74 26.95 -31.33
C LYS F 52 5.63 25.54 -31.91
N ILE F 53 6.40 24.60 -31.36
CA ILE F 53 6.32 23.20 -31.78
C ILE F 53 4.88 22.69 -31.65
N ILE F 54 4.25 22.96 -30.52
CA ILE F 54 2.91 22.47 -30.24
C ILE F 54 1.86 23.02 -31.22
N LYS F 55 1.88 24.33 -31.44
CA LYS F 55 0.97 24.94 -32.42
C LYS F 55 1.17 24.35 -33.81
N GLU F 56 2.44 24.18 -34.20
CA GLU F 56 2.75 23.63 -35.51
C GLU F 56 2.15 22.25 -35.68
N LYS F 57 2.36 21.37 -34.70
CA LYS F 57 1.81 20.03 -34.77
C LYS F 57 0.28 20.01 -34.71
N LEU F 58 -0.29 20.88 -33.88
CA LEU F 58 -1.73 21.01 -33.82
C LEU F 58 -2.29 21.40 -35.19
N GLN F 59 -1.53 22.21 -35.92
CA GLN F 59 -1.92 22.62 -37.27
C GLN F 59 -1.86 21.44 -38.23
N GLU F 60 -0.92 20.52 -37.99
CA GLU F 60 -0.79 19.33 -38.81
C GLU F 60 -1.83 18.28 -38.42
N ASP F 61 -2.76 18.68 -37.57
CA ASP F 61 -3.86 17.81 -37.14
C ASP F 61 -3.38 16.59 -36.33
N LYS F 62 -2.35 16.80 -35.51
CA LYS F 62 -1.85 15.74 -34.64
C LYS F 62 -2.38 15.91 -33.22
N GLU F 63 -2.48 14.80 -32.49
CA GLU F 63 -2.83 14.88 -31.08
C GLU F 63 -1.54 14.92 -30.28
N ILE F 64 -1.48 15.80 -29.29
CA ILE F 64 -0.21 16.05 -28.61
C ILE F 64 -0.15 15.48 -27.20
N ILE F 65 0.86 14.66 -26.96
CA ILE F 65 1.19 14.17 -25.63
C ILE F 65 2.51 14.79 -25.20
N ILE F 66 2.53 15.40 -24.02
CA ILE F 66 3.77 15.91 -23.47
C ILE F 66 4.22 14.99 -22.35
N VAL F 67 5.45 14.49 -22.48
CA VAL F 67 6.03 13.61 -21.50
C VAL F 67 7.09 14.39 -20.72
N VAL F 68 7.01 14.37 -19.39
CA VAL F 68 7.98 15.11 -18.60
C VAL F 68 8.72 14.23 -17.59
N ASP F 69 9.91 14.67 -17.20
CA ASP F 69 10.72 13.89 -16.27
C ASP F 69 10.14 13.82 -14.86
N LEU F 70 9.65 14.95 -14.36
CA LEU F 70 9.29 15.07 -12.95
C LEU F 70 7.92 15.68 -12.75
N PHE F 71 7.23 15.23 -11.71
CA PHE F 71 6.03 15.91 -11.26
C PHE F 71 6.44 17.13 -10.45
N GLY F 72 6.67 18.24 -11.15
CA GLY F 72 7.20 19.46 -10.55
C GLY F 72 8.51 19.87 -11.22
N GLY F 73 8.86 21.15 -11.13
CA GLY F 73 10.05 21.65 -11.79
C GLY F 73 9.71 22.43 -13.05
N SER F 74 10.70 23.09 -13.65
CA SER F 74 10.42 23.95 -14.81
C SER F 74 9.88 23.23 -16.06
N PRO F 75 10.47 22.07 -16.44
CA PRO F 75 9.89 21.32 -17.57
C PRO F 75 8.42 21.03 -17.35
N PHE F 76 8.08 20.57 -16.15
CA PHE F 76 6.70 20.29 -15.79
C PHE F 76 5.86 21.58 -15.89
N ASN F 77 6.39 22.69 -15.38
CA ASN F 77 5.65 23.94 -15.42
C ASN F 77 5.37 24.41 -16.85
N ILE F 78 6.35 24.22 -17.73
CA ILE F 78 6.17 24.54 -19.14
C ILE F 78 5.05 23.67 -19.70
N ALA F 79 5.10 22.37 -19.43
CA ALA F 79 4.05 21.46 -19.93
C ALA F 79 2.67 21.89 -19.44
N LEU F 80 2.54 22.20 -18.15
CA LEU F 80 1.26 22.62 -17.61
C LEU F 80 0.78 23.93 -18.24
N SER F 81 1.71 24.84 -18.53
CA SER F 81 1.33 26.12 -19.14
C SER F 81 0.79 25.92 -20.56
N MET F 82 1.22 24.86 -21.22
CA MET F 82 0.75 24.56 -22.57
C MET F 82 -0.66 24.02 -22.50
N MET F 83 -0.91 23.20 -21.49
CA MET F 83 -2.20 22.56 -21.30
C MET F 83 -3.26 23.59 -20.95
N LYS F 84 -2.82 24.79 -20.60
CA LYS F 84 -3.74 25.86 -20.26
C LYS F 84 -4.31 26.59 -21.49
N GLU F 85 -3.61 26.51 -22.61
CA GLU F 85 -4.03 27.21 -23.83
C GLU F 85 -4.29 26.27 -25.00
N TYR F 86 -3.82 25.03 -24.87
CA TYR F 86 -3.87 24.05 -25.96
C TYR F 86 -4.41 22.72 -25.47
N ASP F 87 -4.90 21.92 -26.41
CA ASP F 87 -5.36 20.58 -26.09
C ASP F 87 -4.16 19.64 -26.05
N VAL F 88 -3.57 19.50 -24.88
CA VAL F 88 -2.49 18.55 -24.67
C VAL F 88 -2.72 17.76 -23.39
N LYS F 89 -2.14 16.58 -23.32
CA LYS F 89 -2.22 15.78 -22.11
C LYS F 89 -0.79 15.51 -21.67
N VAL F 90 -0.58 15.41 -20.36
CA VAL F 90 0.76 15.34 -19.79
C VAL F 90 0.91 14.07 -18.95
N ILE F 91 2.07 13.43 -19.07
CA ILE F 91 2.43 12.35 -18.16
C ILE F 91 3.83 12.59 -17.57
N THR F 92 3.99 12.34 -16.27
CA THR F 92 5.24 12.61 -15.58
C THR F 92 5.97 11.31 -15.21
N GLY F 93 7.22 11.47 -14.80
CA GLY F 93 8.01 10.36 -14.27
C GLY F 93 8.43 9.34 -15.31
N ILE F 94 8.56 9.80 -16.55
CA ILE F 94 8.85 8.89 -17.67
C ILE F 94 10.06 7.98 -17.42
N ASN F 95 9.89 6.70 -17.75
CA ASN F 95 11.00 5.76 -17.75
C ASN F 95 11.00 4.93 -19.03
N MET F 96 11.97 4.03 -19.16
CA MET F 96 12.15 3.27 -20.39
C MET F 96 10.94 2.40 -20.77
N PRO F 97 10.39 1.63 -19.82
CA PRO F 97 9.25 0.77 -20.15
C PRO F 97 8.09 1.59 -20.68
N MET F 98 7.84 2.73 -20.05
CA MET F 98 6.79 3.63 -20.48
C MET F 98 7.00 4.12 -21.90
N LEU F 99 8.20 4.61 -22.19
CA LEU F 99 8.43 5.21 -23.50
C LEU F 99 8.34 4.15 -24.59
N VAL F 100 8.92 2.98 -24.31
CA VAL F 100 8.86 1.89 -25.29
C VAL F 100 7.41 1.50 -25.56
N GLU F 101 6.61 1.34 -24.52
CA GLU F 101 5.21 1.02 -24.71
C GLU F 101 4.47 2.13 -25.45
N LEU F 102 4.75 3.37 -25.07
CA LEU F 102 4.07 4.52 -25.67
C LEU F 102 4.32 4.57 -27.17
N LEU F 103 5.57 4.47 -27.56
CA LEU F 103 5.93 4.57 -28.97
C LEU F 103 5.47 3.35 -29.76
N THR F 104 5.45 2.19 -29.11
CA THR F 104 5.03 0.97 -29.81
C THR F 104 3.51 0.88 -30.00
N SER F 105 2.73 1.36 -29.04
CA SER F 105 1.28 1.24 -29.14
C SER F 105 0.61 2.58 -29.46
N ILE F 106 1.40 3.50 -30.01
CA ILE F 106 0.95 4.89 -30.20
C ILE F 106 -0.33 4.99 -31.05
N ASN F 107 -0.47 4.08 -32.01
CA ASN F 107 -1.60 4.09 -32.94
C ASN F 107 -2.70 3.08 -32.60
N VAL F 108 -2.52 2.36 -31.50
CA VAL F 108 -3.43 1.29 -31.14
C VAL F 108 -4.54 1.75 -30.18
N TYR F 109 -4.21 2.70 -29.31
CA TYR F 109 -5.19 3.22 -28.35
C TYR F 109 -5.36 4.72 -28.50
N ASP F 110 -6.49 5.25 -28.03
CA ASP F 110 -6.63 6.70 -27.93
C ASP F 110 -5.89 7.22 -26.70
N THR F 111 -5.54 8.50 -26.73
CA THR F 111 -4.66 9.09 -25.72
C THR F 111 -5.02 8.75 -24.27
N THR F 112 -6.31 8.84 -23.94
CA THR F 112 -6.77 8.55 -22.58
C THR F 112 -6.33 7.16 -22.13
N GLU F 113 -6.69 6.15 -22.92
CA GLU F 113 -6.38 4.76 -22.62
C GLU F 113 -4.86 4.50 -22.70
N LEU F 114 -4.23 5.14 -23.68
CA LEU F 114 -2.79 5.02 -23.86
C LEU F 114 -2.04 5.45 -22.61
N LEU F 115 -2.38 6.61 -22.08
CA LEU F 115 -1.67 7.14 -20.92
C LEU F 115 -1.94 6.29 -19.68
N GLU F 116 -3.17 5.80 -19.54
CA GLU F 116 -3.51 4.88 -18.46
C GLU F 116 -2.65 3.62 -18.57
N ASN F 117 -2.54 3.09 -19.78
CA ASN F 117 -1.75 1.88 -20.03
C ASN F 117 -0.28 2.08 -19.70
N ILE F 118 0.33 3.14 -20.22
CA ILE F 118 1.75 3.33 -19.98
C ILE F 118 2.07 3.71 -18.53
N SER F 119 1.13 4.34 -17.84
CA SER F 119 1.32 4.66 -16.43
C SER F 119 1.44 3.37 -15.65
N LYS F 120 0.55 2.43 -15.92
CA LYS F 120 0.58 1.14 -15.25
C LYS F 120 1.86 0.37 -15.61
N ILE F 121 2.24 0.38 -16.88
CA ILE F 121 3.44 -0.34 -17.32
C ILE F 121 4.68 0.28 -16.70
N GLY F 122 4.65 1.60 -16.54
CA GLY F 122 5.79 2.31 -15.98
C GLY F 122 6.04 1.97 -14.52
N LYS F 123 4.96 1.91 -13.75
CA LYS F 123 5.07 1.60 -12.33
C LYS F 123 5.47 0.14 -12.13
N ASP F 124 4.81 -0.75 -12.88
CA ASP F 124 5.10 -2.18 -12.79
C ASP F 124 6.54 -2.49 -13.20
N GLY F 125 7.11 -1.63 -14.02
CA GLY F 125 8.48 -1.82 -14.48
C GLY F 125 9.54 -1.44 -13.47
N ILE F 126 9.12 -0.87 -12.34
CA ILE F 126 10.06 -0.51 -11.27
C ILE F 126 10.11 -1.63 -10.22
N LYS F 127 11.26 -2.30 -10.15
CA LYS F 127 11.42 -3.47 -9.27
C LYS F 127 12.77 -3.47 -8.58
N VAL F 128 12.77 -3.83 -7.30
CA VAL F 128 14.01 -4.09 -6.61
C VAL F 128 14.22 -5.59 -6.69
N ILE F 129 15.36 -6.00 -7.25
CA ILE F 129 15.63 -7.42 -7.49
C ILE F 129 16.38 -8.03 -6.32
N GLU F 130 15.80 -9.10 -5.78
CA GLU F 130 16.38 -9.79 -4.64
C GLU F 130 16.87 -11.19 -5.03
N LYS F 131 17.73 -11.77 -4.18
CA LYS F 131 18.23 -13.11 -4.40
C LYS F 131 17.36 -14.14 -3.69
#